data_3J25
#
_entry.id   3J25
#
_cell.length_a   1
_cell.length_b   1
_cell.length_c   1
_cell.angle_alpha   90
_cell.angle_beta   90
_cell.angle_gamma   90
#
_symmetry.space_group_name_H-M   'P 1'
#
loop_
_entity.id
_entity.type
_entity.pdbx_description
1 polymer 'Tetracycline resistance protein tetM'
2 non-polymer 'PHOSPHOMETHYLPHOSPHONIC ACID GUANYLATE ESTER'
#
_entity_poly.entity_id   1
_entity_poly.type   'polypeptide(L)'
_entity_poly.pdbx_seq_one_letter_code
;KIINIGVLAHVDAGKTTLTESLLYNSGAITELGSVDKGTTRTDNTLLERQRGITIQTGITSFQWENTKVNIIDTPGHMDF
LAEVYRSLSVLDGAILLISAKDGVQAQTRILFHALRKMGIPTIFFINKIDQNGIDLSTVYQDIKEKLSAEIVIKQKVELY
PNVCVTNFTESEQWDTVIEGNDDLLEKYMSGKSLEALELEQEESIRFQNCSLFPLYHGSAKSNIGIDNLIEVITNKFYSS
THRGPSELCGNVFKIEYTKKRQRLAYIRLYSGVLHLRDSVRVSEKEKIKVTEMYTSINGELCKIDRAYSGEIVILQNEFL
KLNSVLGDTKLLPQRKKIENPHPLLQTTVEPSKPEQREMLLDALLEISDSDPLLRYYVDSTTHEIILSFLGKVQMEVISA
LLQEKYHVEIELKEPTVIYMERPLKNAEYTIHIEVPPNPFWASIGLSVSPLPLGSGMQYESSVSLGYLNQSFQNAVMEGI
RYGCEQGLYGWNVTDCKICFKYGLYYSPVSTPADFRMLAPIVLEQVLKKAGTELLEPYLSFKIYAPQEYLSRAYNDAPKY
CANIVDTQLKNNEVILSGEIPARCIQEYRSDLTFFTNGRSVCLTELKGYHVTTGEPVCQPRRPNSRIDKVRYMFNKIT
;
_entity_poly.pdbx_strand_id   A
#
loop_
_chem_comp.id
_chem_comp.type
_chem_comp.name
_chem_comp.formula
GCP non-polymer 'PHOSPHOMETHYLPHOSPHONIC ACID GUANYLATE ESTER' 'C11 H18 N5 O13 P3'
#
# COMPACT_ATOMS: atom_id res chain seq x y z
N LYS A 1 -28.47 19.17 10.44
CA LYS A 1 -27.80 19.02 9.15
C LYS A 1 -27.20 17.62 9.01
N ILE A 2 -26.00 17.56 8.48
CA ILE A 2 -25.35 16.26 8.31
C ILE A 2 -23.86 16.44 8.13
N ILE A 3 -23.49 16.97 6.96
CA ILE A 3 -22.09 17.09 6.57
C ILE A 3 -21.91 16.27 5.30
N ASN A 4 -20.85 15.48 5.26
CA ASN A 4 -20.57 14.62 4.12
C ASN A 4 -19.07 14.31 4.03
N ILE A 5 -18.74 13.04 3.98
CA ILE A 5 -17.34 12.61 3.94
C ILE A 5 -16.72 12.86 2.57
N GLY A 6 -15.86 13.87 2.49
CA GLY A 6 -15.20 14.22 1.24
C GLY A 6 -13.69 14.31 1.42
N VAL A 7 -12.95 13.81 0.44
CA VAL A 7 -11.50 13.85 0.49
C VAL A 7 -10.99 14.75 -0.60
N LEU A 8 -9.69 15.00 -0.61
CA LEU A 8 -9.09 15.85 -1.63
C LEU A 8 -7.85 15.22 -2.23
N ALA A 9 -7.92 14.81 -3.48
CA ALA A 9 -6.78 14.19 -4.13
C ALA A 9 -6.17 15.02 -5.27
N HIS A 10 -5.37 14.37 -6.10
CA HIS A 10 -4.72 15.06 -7.20
C HIS A 10 -3.20 15.06 -7.07
N VAL A 11 -2.50 15.31 -8.18
CA VAL A 11 -1.04 15.34 -8.23
C VAL A 11 -0.40 16.25 -7.17
N ASP A 12 0.92 16.43 -7.27
CA ASP A 12 1.66 17.24 -6.30
C ASP A 12 1.71 18.73 -6.66
N ALA A 13 1.90 19.57 -5.65
CA ALA A 13 1.98 21.02 -5.81
C ALA A 13 0.79 21.68 -6.48
N GLY A 14 -0.31 20.96 -6.62
CA GLY A 14 -1.50 21.50 -7.28
C GLY A 14 -2.55 22.16 -6.36
N LYS A 15 -2.15 22.55 -5.15
CA LYS A 15 -3.08 23.23 -4.26
C LYS A 15 -3.99 22.42 -3.35
N THR A 16 -3.86 21.10 -3.41
CA THR A 16 -4.65 20.18 -2.58
C THR A 16 -4.88 20.67 -1.15
N THR A 17 -3.78 20.94 -0.46
CA THR A 17 -3.82 21.41 0.93
C THR A 17 -4.39 22.83 1.10
N LEU A 18 -3.79 23.80 0.40
CA LEU A 18 -4.27 25.18 0.49
C LEU A 18 -5.77 25.26 0.19
N THR A 19 -6.19 24.61 -0.89
CA THR A 19 -7.59 24.59 -1.25
C THR A 19 -8.37 24.06 -0.06
N GLU A 20 -7.74 23.17 0.69
CA GLU A 20 -8.35 22.58 1.87
C GLU A 20 -8.45 23.67 2.93
N SER A 21 -7.31 24.24 3.31
CA SER A 21 -7.31 25.31 4.32
C SER A 21 -8.32 26.38 3.93
N LEU A 22 -8.46 26.57 2.62
CA LEU A 22 -9.38 27.56 2.08
C LEU A 22 -10.80 27.26 2.52
N LEU A 23 -11.31 26.09 2.15
CA LEU A 23 -12.65 25.70 2.51
C LEU A 23 -12.90 26.00 3.99
N TYR A 24 -11.85 25.98 4.78
CA TYR A 24 -11.97 26.24 6.21
C TYR A 24 -12.32 27.70 6.46
N ASN A 25 -11.52 28.60 5.91
CA ASN A 25 -11.70 30.06 6.05
C ASN A 25 -12.99 30.51 5.34
N SER A 26 -13.15 30.08 4.09
CA SER A 26 -14.32 30.44 3.31
C SER A 26 -15.61 30.22 4.09
N GLY A 27 -15.80 28.99 4.56
CA GLY A 27 -16.99 28.63 5.33
C GLY A 27 -16.74 28.75 6.82
N ALA A 28 -16.57 29.98 7.29
CA ALA A 28 -16.32 30.24 8.71
C ALA A 28 -16.35 31.73 9.02
N ILE A 29 -15.18 32.34 9.07
CA ILE A 29 -15.07 33.77 9.36
C ILE A 29 -15.43 34.06 10.81
N THR A 30 -15.53 33.01 11.61
CA THR A 30 -15.88 33.16 13.03
C THR A 30 -14.75 33.84 13.80
N GLU A 31 -13.80 34.41 13.07
CA GLU A 31 -12.67 35.10 13.68
C GLU A 31 -11.46 35.10 12.76
N LEU A 32 -11.64 34.57 11.55
CA LEU A 32 -10.56 34.51 10.57
C LEU A 32 -11.09 34.77 9.16
N GLY A 33 -10.26 35.39 8.33
CA GLY A 33 -10.64 35.71 6.96
C GLY A 33 -9.76 34.94 5.97
N SER A 34 -8.55 34.62 6.40
CA SER A 34 -7.61 33.89 5.54
C SER A 34 -6.53 33.20 6.37
N VAL A 35 -6.39 33.63 7.62
CA VAL A 35 -5.40 33.05 8.53
C VAL A 35 -4.05 32.91 7.83
N ASP A 36 -3.08 33.76 8.17
CA ASP A 36 -1.75 33.63 7.57
C ASP A 36 -1.36 32.16 7.35
N LYS A 37 -0.21 31.94 6.74
CA LYS A 37 0.32 30.60 6.49
C LYS A 37 0.03 30.14 5.06
N GLY A 38 1.06 29.66 4.37
CA GLY A 38 2.40 29.55 4.93
C GLY A 38 2.51 28.30 5.79
N THR A 39 1.46 28.01 6.53
CA THR A 39 1.43 26.85 7.42
C THR A 39 0.52 27.13 8.61
N THR A 40 -0.26 26.14 9.01
CA THR A 40 -1.20 26.31 10.11
C THR A 40 -1.56 25.03 10.84
N ARG A 41 -2.78 24.98 11.37
CA ARG A 41 -3.19 23.95 12.32
C ARG A 41 -3.58 22.66 11.60
N THR A 42 -4.08 22.81 10.37
CA THR A 42 -4.50 21.66 9.58
C THR A 42 -3.38 20.64 9.45
N ASP A 43 -2.16 21.12 9.24
CA ASP A 43 -0.98 20.24 9.09
C ASP A 43 0.01 20.42 10.26
N ASN A 44 -0.48 20.23 11.48
CA ASN A 44 0.32 20.40 12.71
C ASN A 44 1.52 19.48 12.96
N THR A 45 1.68 18.44 12.15
CA THR A 45 2.80 17.53 12.37
C THR A 45 4.13 18.12 11.91
N LEU A 46 5.15 18.15 12.81
CA LEU A 46 6.44 18.71 12.42
C LEU A 46 6.87 18.09 11.10
N LEU A 47 7.71 18.78 10.34
CA LEU A 47 8.09 18.27 9.02
C LEU A 47 6.91 18.56 8.12
N GLU A 48 5.80 17.86 8.34
CA GLU A 48 4.60 18.10 7.53
C GLU A 48 4.57 19.63 7.44
N ARG A 49 4.81 20.26 8.59
CA ARG A 49 4.84 21.70 8.68
C ARG A 49 6.20 22.18 8.22
N GLN A 50 7.18 22.17 9.13
CA GLN A 50 8.53 22.61 8.81
C GLN A 50 8.96 22.08 7.45
N ARG A 51 8.37 20.98 7.02
CA ARG A 51 8.69 20.37 5.74
C ARG A 51 8.06 21.16 4.58
N GLY A 52 6.73 21.27 4.61
CA GLY A 52 6.00 21.98 3.58
C GLY A 52 4.71 21.26 3.20
N ILE A 53 4.85 20.07 2.62
CA ILE A 53 3.71 19.28 2.21
C ILE A 53 3.21 18.39 3.35
N THR A 54 2.03 17.81 3.17
CA THR A 54 1.44 16.94 4.17
C THR A 54 1.63 15.47 3.82
N ILE A 55 2.59 14.82 4.46
CA ILE A 55 2.89 13.42 4.21
C ILE A 55 1.83 12.52 4.83
N GLN A 56 0.91 13.12 5.58
CA GLN A 56 -0.16 12.37 6.25
C GLN A 56 -1.53 12.99 5.93
N THR A 57 -2.50 12.13 5.64
CA THR A 57 -3.85 12.59 5.34
C THR A 57 -4.31 13.44 6.50
N GLY A 58 -4.76 14.66 6.21
CA GLY A 58 -5.24 15.55 7.26
C GLY A 58 -6.56 15.01 7.71
N ILE A 59 -7.46 15.89 8.14
CA ILE A 59 -8.80 15.52 8.61
C ILE A 59 -9.40 16.78 9.14
N THR A 60 -10.15 17.49 8.29
CA THR A 60 -10.78 18.73 8.67
C THR A 60 -12.29 18.57 8.80
N SER A 61 -12.96 19.61 9.25
CA SER A 61 -14.42 19.58 9.43
C SER A 61 -14.96 20.98 9.71
N PHE A 62 -15.49 21.63 8.68
CA PHE A 62 -16.05 22.96 8.81
C PHE A 62 -17.57 22.94 8.78
N GLN A 63 -18.19 24.03 9.19
CA GLN A 63 -19.64 24.14 9.20
C GLN A 63 -20.10 25.58 9.00
N TRP A 64 -21.40 25.78 8.93
CA TRP A 64 -21.97 27.11 8.72
C TRP A 64 -23.32 27.24 9.42
N GLU A 65 -23.81 28.47 9.50
CA GLU A 65 -25.09 28.74 10.15
C GLU A 65 -26.21 27.92 9.52
N ASN A 66 -25.84 26.87 8.80
CA ASN A 66 -26.80 25.99 8.14
C ASN A 66 -26.49 24.53 8.42
N THR A 67 -25.27 24.12 8.09
CA THR A 67 -24.84 22.74 8.30
C THR A 67 -23.33 22.66 8.45
N LYS A 68 -22.82 21.42 8.57
CA LYS A 68 -21.39 21.20 8.74
C LYS A 68 -20.94 19.95 7.99
N VAL A 69 -19.72 19.51 8.26
CA VAL A 69 -19.17 18.32 7.61
C VAL A 69 -17.69 18.16 7.92
N ASN A 70 -17.13 17.01 7.56
CA ASN A 70 -15.72 16.73 7.79
C ASN A 70 -14.92 16.81 6.50
N ILE A 71 -13.82 16.04 6.45
CA ILE A 71 -12.97 16.02 5.28
C ILE A 71 -11.73 15.16 5.51
N ILE A 72 -11.03 14.83 4.43
CA ILE A 72 -9.82 14.02 4.51
C ILE A 72 -8.85 14.49 3.41
N ASP A 73 -7.74 15.10 3.81
CA ASP A 73 -6.75 15.65 2.87
C ASP A 73 -5.56 14.75 2.56
N THR A 74 -5.67 14.02 1.45
CA THR A 74 -4.63 13.09 1.01
C THR A 74 -3.36 13.77 0.54
N PRO A 75 -2.29 12.99 0.41
CA PRO A 75 -1.00 13.52 -0.03
C PRO A 75 -0.74 13.17 -1.49
N GLY A 76 -0.06 14.07 -2.19
CA GLY A 76 0.26 13.86 -3.59
C GLY A 76 1.44 12.90 -3.77
N HIS A 77 2.13 13.02 -4.89
CA HIS A 77 3.28 12.16 -5.18
C HIS A 77 2.96 10.69 -4.92
N MET A 78 3.97 9.84 -5.03
CA MET A 78 3.79 8.41 -4.81
C MET A 78 4.31 7.99 -3.44
N ASP A 79 4.69 6.72 -3.32
CA ASP A 79 5.20 6.20 -2.05
C ASP A 79 4.17 6.33 -0.94
N PHE A 80 3.66 7.54 -0.73
CA PHE A 80 2.67 7.79 0.30
C PHE A 80 1.30 7.30 -0.13
N LEU A 81 1.18 6.88 -1.38
CA LEU A 81 -0.08 6.39 -1.92
C LEU A 81 -0.76 5.49 -0.89
N ALA A 82 0.00 4.74 -0.04
CA ALA A 82 -0.64 3.69 0.76
C ALA A 82 -1.44 4.20 1.93
N GLU A 83 -1.29 5.57 2.20
CA GLU A 83 -1.84 6.31 3.29
C GLU A 83 -2.87 7.13 2.72
N VAL A 84 -2.91 7.30 1.38
CA VAL A 84 -3.86 8.06 0.54
C VAL A 84 -5.04 7.17 0.21
N TYR A 85 -4.77 5.93 -0.19
CA TYR A 85 -5.72 4.88 -0.31
C TYR A 85 -6.59 4.64 0.93
N ARG A 86 -6.04 4.90 2.16
CA ARG A 86 -6.66 4.46 3.45
C ARG A 86 -7.75 5.47 3.72
N SER A 87 -7.51 6.70 3.31
CA SER A 87 -8.38 7.84 3.47
C SER A 87 -9.48 7.70 2.53
N LEU A 88 -9.14 7.19 1.30
CA LEU A 88 -10.09 7.09 0.24
C LEU A 88 -11.08 6.00 0.52
N SER A 89 -10.66 4.86 1.16
CA SER A 89 -11.35 3.71 1.73
C SER A 89 -12.36 3.98 2.83
N VAL A 90 -12.64 5.25 3.10
CA VAL A 90 -13.66 5.75 3.94
C VAL A 90 -14.43 6.70 2.99
N LEU A 91 -14.09 7.98 2.97
CA LEU A 91 -14.63 9.07 2.15
C LEU A 91 -15.56 8.63 1.01
N ASP A 92 -16.81 9.14 0.93
CA ASP A 92 -17.65 8.95 -0.28
C ASP A 92 -17.24 9.81 -1.48
N GLY A 93 -16.97 11.15 -1.38
CA GLY A 93 -16.72 11.91 -2.62
C GLY A 93 -15.45 12.60 -2.51
N ALA A 94 -14.80 12.63 -3.66
CA ALA A 94 -13.43 13.13 -3.83
C ALA A 94 -13.34 14.43 -4.60
N ILE A 95 -12.81 15.48 -3.95
CA ILE A 95 -12.65 16.76 -4.63
C ILE A 95 -11.37 16.71 -5.44
N LEU A 96 -11.43 16.17 -6.65
CA LEU A 96 -10.26 16.07 -7.50
C LEU A 96 -9.60 17.43 -7.69
N LEU A 97 -8.27 17.42 -7.80
CA LEU A 97 -7.52 18.66 -7.97
C LEU A 97 -6.87 18.73 -9.36
N ILE A 98 -6.37 19.90 -9.72
CA ILE A 98 -5.73 20.09 -11.01
C ILE A 98 -5.17 21.51 -11.14
N SER A 99 -3.86 21.65 -11.00
CA SER A 99 -3.21 22.94 -11.10
C SER A 99 -2.95 23.32 -12.55
N ALA A 100 -2.53 24.57 -12.77
CA ALA A 100 -2.24 25.05 -14.11
C ALA A 100 -1.57 23.98 -14.96
N LYS A 101 -0.26 23.83 -14.79
CA LYS A 101 0.51 22.84 -15.54
C LYS A 101 0.02 21.43 -15.24
N ASP A 102 -0.73 21.29 -14.15
CA ASP A 102 -1.26 19.99 -13.75
C ASP A 102 -2.22 19.43 -14.79
N GLY A 103 -2.05 19.87 -16.03
CA GLY A 103 -2.91 19.41 -17.13
C GLY A 103 -3.04 17.90 -17.14
N VAL A 104 -4.01 17.39 -16.39
CA VAL A 104 -4.25 15.95 -16.31
C VAL A 104 -3.01 15.22 -15.80
N GLN A 105 -2.72 15.39 -14.52
CA GLN A 105 -1.56 14.75 -13.91
C GLN A 105 -1.68 13.23 -13.95
N ALA A 106 -0.83 12.54 -13.19
CA ALA A 106 -0.84 11.09 -13.15
C ALA A 106 -1.83 10.58 -12.10
N GLN A 107 -1.94 11.30 -10.99
CA GLN A 107 -2.84 10.94 -9.92
C GLN A 107 -4.24 11.51 -10.14
N THR A 108 -4.31 12.61 -10.89
CA THR A 108 -5.60 13.27 -11.18
C THR A 108 -6.45 12.22 -11.85
N ARG A 109 -5.85 11.36 -12.74
CA ARG A 109 -6.46 10.20 -13.32
C ARG A 109 -6.95 9.21 -12.40
N ILE A 110 -6.14 8.34 -11.76
CA ILE A 110 -6.34 7.28 -10.78
C ILE A 110 -7.32 7.45 -9.71
N LEU A 111 -7.35 8.62 -8.97
CA LEU A 111 -8.27 8.96 -7.88
C LEU A 111 -9.70 8.79 -8.20
N PHE A 112 -9.99 9.40 -9.32
CA PHE A 112 -11.27 9.41 -10.07
C PHE A 112 -11.58 8.00 -10.45
N HIS A 113 -10.61 7.19 -10.90
CA HIS A 113 -10.91 5.76 -11.28
C HIS A 113 -11.41 4.90 -10.14
N ALA A 114 -10.80 5.06 -8.94
CA ALA A 114 -11.09 4.17 -7.86
C ALA A 114 -12.52 4.20 -7.30
N LEU A 115 -12.94 5.44 -7.21
CA LEU A 115 -14.15 6.03 -6.85
C LEU A 115 -15.24 5.61 -7.81
N ARG A 116 -14.92 5.47 -9.09
CA ARG A 116 -15.90 5.07 -10.09
C ARG A 116 -16.32 3.62 -9.90
N LYS A 117 -15.45 2.82 -9.30
CA LYS A 117 -15.73 1.41 -9.05
C LYS A 117 -16.15 1.18 -7.60
N MET A 118 -15.79 2.12 -6.73
CA MET A 118 -16.13 2.02 -5.32
C MET A 118 -17.59 2.37 -5.08
N GLY A 119 -18.03 3.52 -5.61
CA GLY A 119 -19.39 3.97 -5.44
C GLY A 119 -19.46 5.46 -5.19
N ILE A 120 -18.29 6.08 -5.01
CA ILE A 120 -18.21 7.51 -4.76
C ILE A 120 -19.32 8.26 -5.47
N PRO A 121 -20.32 8.70 -4.71
CA PRO A 121 -21.45 9.43 -5.26
C PRO A 121 -21.05 10.85 -5.64
N THR A 122 -20.34 10.99 -6.75
CA THR A 122 -19.90 12.29 -7.24
C THR A 122 -18.41 12.49 -7.01
N ILE A 123 -17.74 13.07 -8.00
CA ILE A 123 -16.29 13.32 -7.91
C ILE A 123 -16.16 14.70 -8.60
N PHE A 124 -15.27 15.54 -8.06
CA PHE A 124 -15.49 16.93 -8.40
C PHE A 124 -14.12 17.45 -8.75
N PHE A 125 -14.00 18.17 -9.87
CA PHE A 125 -12.69 18.70 -10.24
C PHE A 125 -12.61 20.15 -9.79
N ILE A 126 -11.40 20.66 -9.65
CA ILE A 126 -11.19 22.04 -9.27
C ILE A 126 -9.88 22.48 -9.87
N ASN A 127 -9.96 23.14 -11.01
CA ASN A 127 -8.78 23.61 -11.69
C ASN A 127 -8.21 24.71 -10.82
N LYS A 128 -6.93 24.59 -10.46
CA LYS A 128 -6.27 25.58 -9.61
C LYS A 128 -5.04 26.16 -10.31
N ILE A 129 -4.71 27.39 -9.97
CA ILE A 129 -3.55 28.07 -10.56
C ILE A 129 -3.93 28.74 -11.87
N ASP A 130 -5.17 29.18 -11.97
CA ASP A 130 -5.65 29.85 -13.18
C ASP A 130 -4.88 31.14 -13.44
N GLN A 131 -3.65 31.19 -12.96
CA GLN A 131 -2.79 32.36 -13.14
C GLN A 131 -2.62 32.69 -14.62
N ASN A 132 -1.62 32.07 -15.24
CA ASN A 132 -1.34 32.30 -16.65
C ASN A 132 -1.64 31.05 -17.48
N GLY A 133 -1.43 31.15 -18.79
CA GLY A 133 -1.69 30.04 -19.70
C GLY A 133 -2.76 29.11 -19.14
N ILE A 134 -3.84 29.69 -18.65
CA ILE A 134 -4.95 28.92 -18.08
C ILE A 134 -6.17 28.97 -18.97
N ASP A 135 -6.18 28.14 -20.01
CA ASP A 135 -7.30 28.08 -20.94
C ASP A 135 -8.58 27.61 -20.26
N LEU A 136 -9.56 27.23 -21.05
CA LEU A 136 -10.83 26.75 -20.51
C LEU A 136 -11.17 25.59 -21.45
N SER A 137 -11.00 25.79 -22.74
CA SER A 137 -11.00 24.76 -23.77
C SER A 137 -10.14 23.50 -23.49
N THR A 138 -8.94 23.71 -22.94
CA THR A 138 -8.01 22.71 -22.59
C THR A 138 -8.51 21.80 -21.46
N VAL A 139 -9.14 22.45 -20.44
CA VAL A 139 -9.69 21.77 -19.25
C VAL A 139 -10.70 20.67 -19.66
N TYR A 140 -11.84 21.02 -20.35
CA TYR A 140 -12.77 20.13 -20.99
C TYR A 140 -12.26 19.08 -21.91
N GLN A 141 -11.29 19.33 -22.82
CA GLN A 141 -10.69 18.35 -23.68
C GLN A 141 -10.03 17.26 -22.89
N ASP A 142 -9.36 17.64 -21.81
CA ASP A 142 -8.60 16.67 -21.01
C ASP A 142 -9.46 15.76 -20.27
N ILE A 143 -10.52 16.36 -19.64
CA ILE A 143 -11.57 15.82 -18.90
C ILE A 143 -12.27 14.73 -19.53
N LYS A 144 -12.67 14.93 -20.85
CA LYS A 144 -13.65 14.14 -21.49
C LYS A 144 -13.13 12.80 -21.76
N GLU A 145 -11.88 12.81 -22.24
CA GLU A 145 -11.12 11.55 -22.36
C GLU A 145 -10.76 10.80 -21.04
N LYS A 146 -10.03 11.48 -20.16
CA LYS A 146 -9.63 10.90 -18.89
C LYS A 146 -10.83 10.53 -18.04
N LEU A 147 -11.19 11.42 -17.11
CA LEU A 147 -12.33 11.18 -16.22
C LEU A 147 -13.43 10.40 -16.93
N SER A 148 -13.48 10.52 -18.26
CA SER A 148 -14.48 9.83 -19.06
C SER A 148 -15.87 9.99 -18.46
N ALA A 149 -15.97 10.81 -17.42
CA ALA A 149 -17.25 11.05 -16.76
C ALA A 149 -18.34 11.38 -17.76
N GLU A 150 -19.59 11.32 -17.32
CA GLU A 150 -20.73 11.61 -18.18
C GLU A 150 -20.75 13.08 -18.60
N ILE A 151 -20.92 13.33 -19.89
CA ILE A 151 -20.97 14.68 -20.41
C ILE A 151 -21.96 15.54 -19.63
N VAL A 152 -21.44 16.33 -18.70
CA VAL A 152 -22.28 17.21 -17.88
C VAL A 152 -22.70 18.45 -18.65
N ILE A 153 -22.94 19.53 -17.93
CA ILE A 153 -23.36 20.79 -18.55
C ILE A 153 -22.37 21.91 -18.22
N LYS A 154 -22.76 23.14 -18.53
CA LYS A 154 -21.92 24.30 -18.27
C LYS A 154 -22.68 25.37 -17.50
N GLN A 155 -21.99 26.47 -17.17
CA GLN A 155 -20.58 26.62 -17.54
C GLN A 155 -19.77 27.16 -16.37
N LYS A 156 -18.65 27.81 -16.69
CA LYS A 156 -17.78 28.38 -15.66
C LYS A 156 -16.58 29.09 -16.29
N VAL A 157 -16.82 30.28 -16.82
CA VAL A 157 -15.77 31.07 -17.46
C VAL A 157 -16.27 32.45 -17.85
N GLU A 158 -15.40 33.23 -18.48
CA GLU A 158 -15.75 34.58 -18.92
C GLU A 158 -14.59 35.54 -18.72
N LEU A 159 -14.37 36.41 -19.70
CA LEU A 159 -13.29 37.39 -19.64
C LEU A 159 -11.93 36.73 -19.84
N TYR A 160 -10.87 37.54 -19.84
CA TYR A 160 -9.52 37.03 -20.01
C TYR A 160 -8.52 37.83 -19.20
N PRO A 161 -7.44 37.18 -18.77
CA PRO A 161 -6.41 37.84 -17.98
C PRO A 161 -7.00 38.59 -16.80
N ASN A 162 -6.55 39.81 -16.58
CA ASN A 162 -7.04 40.63 -15.48
C ASN A 162 -8.53 40.89 -15.61
N VAL A 163 -9.04 40.78 -16.83
CA VAL A 163 -10.46 41.01 -17.09
C VAL A 163 -11.28 39.75 -16.82
N CYS A 164 -10.59 38.66 -16.49
CA CYS A 164 -11.25 37.40 -16.21
C CYS A 164 -12.40 37.58 -15.23
N VAL A 165 -13.56 37.01 -15.56
CA VAL A 165 -14.73 37.11 -14.70
C VAL A 165 -15.41 35.76 -14.53
N THR A 166 -16.01 35.54 -13.36
CA THR A 166 -16.69 34.30 -13.07
C THR A 166 -18.01 34.19 -13.82
N ASN A 167 -18.22 33.05 -14.47
CA ASN A 167 -19.44 32.82 -15.24
C ASN A 167 -19.70 31.32 -15.43
N PHE A 168 -20.75 31.01 -16.17
CA PHE A 168 -21.12 29.62 -16.42
C PHE A 168 -22.23 29.51 -17.47
N THR A 169 -23.48 29.52 -16.99
CA THR A 169 -24.63 29.43 -17.87
C THR A 169 -24.72 28.06 -18.52
N GLU A 170 -25.31 28.00 -19.72
CA GLU A 170 -25.45 26.75 -20.44
C GLU A 170 -26.60 25.92 -19.88
N SER A 171 -27.83 26.39 -20.09
CA SER A 171 -28.98 25.71 -19.61
C SER A 171 -29.38 24.67 -20.61
N GLU A 172 -29.36 25.04 -21.91
CA GLU A 172 -29.80 24.15 -22.94
C GLU A 172 -28.93 22.94 -22.95
N GLN A 173 -27.61 23.14 -22.83
CA GLN A 173 -26.70 22.03 -22.91
C GLN A 173 -26.97 21.12 -21.75
N TRP A 174 -27.26 21.70 -20.57
CA TRP A 174 -27.52 20.88 -19.43
C TRP A 174 -28.75 20.06 -19.70
N ASP A 175 -29.78 20.68 -20.30
CA ASP A 175 -31.02 19.98 -20.52
C ASP A 175 -30.70 18.80 -21.35
N THR A 176 -29.87 19.01 -22.38
CA THR A 176 -29.60 17.98 -23.32
C THR A 176 -28.98 16.82 -22.60
N VAL A 177 -28.02 17.09 -21.71
CA VAL A 177 -27.32 16.04 -20.99
C VAL A 177 -28.25 15.30 -20.09
N ILE A 178 -29.09 16.04 -19.36
CA ILE A 178 -29.99 15.43 -18.43
C ILE A 178 -30.91 14.51 -19.19
N GLU A 179 -31.17 14.86 -20.47
CA GLU A 179 -32.07 14.12 -21.32
C GLU A 179 -31.61 12.69 -21.40
N GLY A 180 -30.29 12.44 -21.43
CA GLY A 180 -29.84 11.08 -21.56
C GLY A 180 -30.35 10.29 -20.40
N ASN A 181 -30.35 10.91 -19.21
CA ASN A 181 -30.72 10.28 -17.98
C ASN A 181 -32.18 9.97 -17.87
N ASP A 182 -33.08 10.83 -18.34
CA ASP A 182 -34.45 10.48 -18.14
C ASP A 182 -35.19 10.60 -19.43
N ASP A 183 -36.02 9.59 -19.73
CA ASP A 183 -36.77 9.54 -20.94
C ASP A 183 -37.70 10.71 -20.92
N LEU A 184 -38.28 11.00 -19.75
CA LEU A 184 -39.26 12.03 -19.63
C LEU A 184 -38.67 13.34 -20.04
N LEU A 185 -37.40 13.60 -19.68
CA LEU A 185 -36.81 14.87 -20.01
C LEU A 185 -36.64 15.01 -21.48
N GLU A 186 -36.29 13.91 -22.18
CA GLU A 186 -36.01 13.98 -23.58
C GLU A 186 -37.26 14.40 -24.28
N LYS A 187 -38.40 13.80 -23.91
CA LYS A 187 -39.62 14.08 -24.60
C LYS A 187 -39.89 15.55 -24.49
N TYR A 188 -39.75 16.10 -23.27
CA TYR A 188 -40.00 17.49 -23.01
C TYR A 188 -39.03 18.33 -23.77
N MET A 189 -37.76 17.86 -23.83
CA MET A 189 -36.71 18.58 -24.50
C MET A 189 -37.11 18.69 -25.92
N SER A 190 -37.58 17.59 -26.49
CA SER A 190 -38.01 17.56 -27.89
C SER A 190 -39.18 18.51 -28.13
N GLY A 191 -40.03 18.65 -27.11
CA GLY A 191 -41.20 19.52 -27.20
C GLY A 191 -41.11 20.65 -26.17
N LYS A 192 -40.76 20.30 -24.95
CA LYS A 192 -40.66 21.27 -23.86
C LYS A 192 -39.27 21.24 -23.23
N SER A 193 -39.18 21.69 -21.98
CA SER A 193 -37.91 21.71 -21.26
C SER A 193 -38.11 21.47 -19.77
N LEU A 194 -39.29 21.87 -19.27
CA LEU A 194 -39.61 21.69 -17.86
C LEU A 194 -39.05 22.83 -17.02
N GLU A 195 -38.69 22.53 -15.78
CA GLU A 195 -38.14 23.52 -14.86
C GLU A 195 -36.67 23.23 -14.56
N ALA A 196 -36.15 23.90 -13.54
CA ALA A 196 -34.75 23.72 -13.13
C ALA A 196 -34.66 22.95 -11.82
N LEU A 197 -35.44 23.38 -10.84
CA LEU A 197 -35.44 22.73 -9.53
C LEU A 197 -35.45 21.21 -9.66
N GLU A 198 -36.46 20.68 -10.36
CA GLU A 198 -36.58 19.28 -10.56
C GLU A 198 -35.48 18.58 -11.29
N LEU A 199 -34.88 19.29 -12.28
CA LEU A 199 -33.73 18.91 -13.03
C LEU A 199 -32.48 18.84 -12.16
N GLU A 200 -32.43 19.82 -11.19
CA GLU A 200 -31.35 19.85 -10.17
C GLU A 200 -31.39 18.62 -9.30
N GLN A 201 -32.66 18.13 -8.94
CA GLN A 201 -32.84 16.95 -8.15
C GLN A 201 -32.35 15.72 -8.86
N GLU A 202 -32.62 15.65 -10.22
CA GLU A 202 -32.22 14.53 -11.05
C GLU A 202 -30.75 14.35 -11.01
N GLU A 203 -29.94 15.43 -11.09
CA GLU A 203 -28.52 15.47 -11.03
C GLU A 203 -27.97 15.09 -9.70
N SER A 204 -28.54 15.58 -8.59
CA SER A 204 -28.17 15.39 -7.23
C SER A 204 -28.32 13.88 -6.80
N ILE A 205 -29.40 13.25 -7.25
CA ILE A 205 -29.73 11.79 -7.09
C ILE A 205 -28.73 10.95 -7.79
N ARG A 206 -28.27 11.35 -8.99
CA ARG A 206 -27.30 10.71 -9.84
C ARG A 206 -25.92 10.88 -9.20
N PHE A 207 -25.63 12.05 -8.61
CA PHE A 207 -24.39 12.16 -7.99
C PHE A 207 -24.20 11.24 -6.80
N GLN A 208 -25.21 11.16 -5.87
CA GLN A 208 -25.19 10.18 -4.73
C GLN A 208 -25.16 8.77 -5.22
N ASN A 209 -25.87 8.44 -6.35
CA ASN A 209 -25.80 7.09 -6.99
C ASN A 209 -24.57 6.61 -7.54
N CYS A 210 -23.66 7.52 -7.89
CA CYS A 210 -22.37 7.13 -8.46
C CYS A 210 -22.44 7.10 -9.99
N SER A 211 -23.17 8.05 -10.56
CA SER A 211 -23.31 8.13 -12.01
C SER A 211 -23.06 9.55 -12.51
N LEU A 212 -23.99 10.45 -12.23
CA LEU A 212 -23.86 11.84 -12.65
C LEU A 212 -22.88 12.60 -11.77
N PHE A 213 -22.40 13.73 -12.26
CA PHE A 213 -21.44 14.55 -11.53
C PHE A 213 -21.19 15.88 -12.23
N PRO A 214 -21.18 16.96 -11.47
CA PRO A 214 -20.96 18.30 -12.01
C PRO A 214 -19.67 18.91 -11.47
N LEU A 215 -19.01 19.70 -12.30
CA LEU A 215 -17.76 20.36 -11.90
C LEU A 215 -17.96 21.90 -11.89
N TYR A 216 -17.54 22.56 -10.80
CA TYR A 216 -17.59 24.03 -10.66
C TYR A 216 -16.18 24.60 -10.90
N HIS A 217 -16.06 25.70 -11.65
CA HIS A 217 -14.75 26.39 -11.85
C HIS A 217 -14.87 27.77 -11.16
N GLY A 218 -13.78 28.24 -10.56
CA GLY A 218 -13.77 29.52 -9.88
C GLY A 218 -12.37 29.86 -9.37
N SER A 219 -11.41 29.97 -10.28
CA SER A 219 -10.04 30.29 -9.93
C SER A 219 -9.66 29.65 -8.60
N ALA A 220 -8.62 30.19 -7.97
CA ALA A 220 -8.14 29.68 -6.69
C ALA A 220 -7.24 30.69 -5.99
N LYS A 221 -6.06 30.90 -6.54
CA LYS A 221 -5.09 31.84 -5.97
C LYS A 221 -5.80 33.02 -5.31
N SER A 222 -6.26 33.97 -6.13
CA SER A 222 -6.95 35.14 -5.62
C SER A 222 -8.13 34.75 -4.74
N ASN A 223 -8.35 33.44 -4.60
CA ASN A 223 -9.45 32.94 -3.79
C ASN A 223 -10.69 33.81 -3.93
N ILE A 224 -11.24 33.84 -5.13
CA ILE A 224 -12.44 34.63 -5.40
C ILE A 224 -13.29 33.64 -6.15
N GLY A 225 -14.57 33.50 -5.68
CA GLY A 225 -15.52 32.51 -6.14
C GLY A 225 -15.38 31.31 -5.26
N ILE A 226 -14.43 31.42 -4.28
CA ILE A 226 -13.91 30.41 -3.33
C ILE A 226 -15.05 30.13 -2.34
N ASP A 227 -15.54 31.25 -1.74
CA ASP A 227 -16.65 31.36 -0.83
C ASP A 227 -18.01 30.85 -1.43
N ASN A 228 -18.24 31.18 -2.72
CA ASN A 228 -19.54 30.58 -3.33
C ASN A 228 -19.44 29.11 -3.41
N LEU A 229 -18.29 28.69 -3.91
CA LEU A 229 -17.87 27.26 -4.10
C LEU A 229 -17.95 26.38 -2.93
N ILE A 230 -17.53 26.87 -1.74
CA ILE A 230 -17.65 26.20 -0.54
C ILE A 230 -19.08 25.91 -0.09
N GLU A 231 -20.02 26.89 -0.15
CA GLU A 231 -21.46 26.85 -0.02
C GLU A 231 -22.04 25.83 -0.86
N VAL A 232 -21.68 25.88 -2.21
CA VAL A 232 -22.23 25.01 -3.21
C VAL A 232 -21.84 23.55 -3.13
N ILE A 233 -20.61 23.31 -2.62
CA ILE A 233 -20.09 21.99 -2.42
C ILE A 233 -20.73 21.23 -1.32
N THR A 234 -20.93 21.93 -0.15
CA THR A 234 -21.67 21.47 1.02
C THR A 234 -23.07 21.25 0.76
N ASN A 235 -23.68 22.10 -0.05
CA ASN A 235 -25.09 21.98 -0.39
C ASN A 235 -25.46 20.53 -0.71
N LYS A 236 -25.32 20.17 -1.99
CA LYS A 236 -25.62 18.82 -2.43
C LYS A 236 -24.53 17.84 -2.03
N PHE A 237 -24.59 17.36 -0.79
CA PHE A 237 -23.61 16.41 -0.28
C PHE A 237 -23.67 16.31 1.23
N TYR A 238 -24.45 15.35 1.74
CA TYR A 238 -24.60 15.15 3.17
C TYR A 238 -24.74 13.68 3.52
N SER A 239 -25.87 13.32 4.10
CA SER A 239 -26.13 11.93 4.49
C SER A 239 -27.63 11.66 4.60
N SER A 240 -28.00 10.74 5.47
CA SER A 240 -29.39 10.39 5.68
C SER A 240 -29.69 10.12 7.14
N THR A 241 -29.98 8.87 7.47
CA THR A 241 -30.28 8.48 8.84
C THR A 241 -30.68 9.70 9.69
N HIS A 242 -29.74 10.19 10.48
CA HIS A 242 -29.98 11.34 11.33
C HIS A 242 -31.47 11.54 11.59
N ARG A 243 -32.15 12.19 10.65
CA ARG A 243 -33.58 12.45 10.77
C ARG A 243 -34.13 11.86 12.07
N GLY A 244 -34.18 10.54 12.15
CA GLY A 244 -34.69 9.86 13.33
C GLY A 244 -33.94 10.30 14.58
N PRO A 245 -33.80 9.39 15.54
CA PRO A 245 -33.10 9.67 16.78
C PRO A 245 -32.89 8.40 17.61
N SER A 246 -31.77 7.74 17.38
CA SER A 246 -31.45 6.51 18.10
C SER A 246 -30.33 5.74 17.42
N GLU A 247 -29.71 4.83 18.15
CA GLU A 247 -28.62 4.02 17.62
C GLU A 247 -27.48 4.89 17.13
N LEU A 248 -26.25 4.49 17.44
CA LEU A 248 -25.05 5.25 17.03
C LEU A 248 -24.43 4.16 16.23
N CYS A 249 -23.82 4.53 15.06
CA CYS A 249 -23.23 3.50 14.21
C CYS A 249 -22.02 4.25 13.65
N GLY A 250 -20.83 3.58 13.57
CA GLY A 250 -19.64 4.31 13.29
C GLY A 250 -18.60 3.42 12.86
N ASN A 251 -17.51 3.99 12.39
CA ASN A 251 -16.38 3.21 11.91
C ASN A 251 -15.06 3.81 12.39
N VAL A 252 -14.59 3.35 13.55
CA VAL A 252 -13.33 3.84 14.12
C VAL A 252 -12.36 4.24 13.03
N PHE A 253 -12.08 5.55 12.94
CA PHE A 253 -11.16 6.06 11.94
C PHE A 253 -9.71 5.92 12.40
N LYS A 254 -8.79 5.94 11.44
CA LYS A 254 -7.37 5.81 11.75
C LYS A 254 -6.89 6.94 12.65
N ILE A 255 -5.84 7.62 12.24
CA ILE A 255 -5.28 8.73 13.01
C ILE A 255 -4.43 8.22 14.17
N GLU A 256 -3.21 7.79 13.86
CA GLU A 256 -2.29 7.27 14.86
C GLU A 256 -1.72 8.40 15.72
N TYR A 257 -1.11 8.04 16.85
CA TYR A 257 -0.52 9.01 17.75
C TYR A 257 0.84 9.48 17.25
N THR A 258 1.58 10.18 18.11
CA THR A 258 2.90 10.68 17.76
C THR A 258 3.90 10.44 18.88
N LYS A 259 4.96 11.24 18.90
CA LYS A 259 6.02 11.10 19.94
C LYS A 259 5.83 12.07 21.10
N LYS A 260 5.45 13.36 20.76
CA LYS A 260 5.52 14.47 21.67
C LYS A 260 4.68 14.35 22.87
N ARG A 261 3.37 14.25 22.67
CA ARG A 261 2.44 14.07 23.67
C ARG A 261 1.48 13.04 23.22
N GLN A 262 1.91 11.78 23.31
CA GLN A 262 1.08 10.66 22.91
C GLN A 262 0.33 10.96 21.62
N ARG A 263 -0.93 10.54 21.55
CA ARG A 263 -1.75 10.76 20.37
C ARG A 263 -3.24 10.86 20.73
N LEU A 264 -4.09 10.86 19.71
CA LEU A 264 -5.53 10.94 19.93
C LEU A 264 -6.27 9.86 19.13
N ALA A 265 -7.46 10.20 18.66
CA ALA A 265 -8.27 9.27 17.89
C ALA A 265 -9.54 9.93 17.38
N TYR A 266 -10.04 9.46 16.23
CA TYR A 266 -11.27 10.02 15.63
C TYR A 266 -12.17 8.96 15.00
N ILE A 267 -13.48 9.05 15.17
CA ILE A 267 -14.52 8.24 14.53
C ILE A 267 -15.64 9.14 14.11
N ARG A 268 -16.38 8.61 13.08
CA ARG A 268 -17.48 9.23 12.47
C ARG A 268 -18.73 8.51 12.72
N LEU A 269 -19.71 9.35 13.17
CA LEU A 269 -21.06 8.97 13.55
C LEU A 269 -21.90 9.32 12.34
N TYR A 270 -22.83 8.44 12.02
CA TYR A 270 -23.76 8.67 10.88
C TYR A 270 -25.16 8.51 11.28
N SER A 271 -25.35 8.77 12.58
CA SER A 271 -26.64 8.61 13.25
C SER A 271 -26.45 7.99 14.63
N GLY A 272 -25.47 8.47 15.37
CA GLY A 272 -25.16 7.93 16.69
C GLY A 272 -24.80 9.01 17.72
N VAL A 273 -24.07 8.62 18.75
CA VAL A 273 -23.69 9.54 19.83
C VAL A 273 -22.25 9.33 20.30
N LEU A 274 -22.01 9.62 21.58
CA LEU A 274 -20.69 9.46 22.16
C LEU A 274 -20.74 9.51 23.69
N HIS A 275 -20.51 8.37 24.32
CA HIS A 275 -20.54 8.29 25.78
C HIS A 275 -20.75 6.86 26.25
N LEU A 276 -21.28 6.71 27.46
CA LEU A 276 -21.53 5.38 28.02
C LEU A 276 -20.30 4.48 27.89
N ARG A 277 -20.53 3.17 27.90
CA ARG A 277 -19.44 2.21 27.78
C ARG A 277 -19.13 1.91 26.32
N ASP A 278 -19.57 0.74 25.85
CA ASP A 278 -19.33 0.34 24.47
C ASP A 278 -19.53 -1.17 24.30
N SER A 279 -18.83 -1.74 23.33
CA SER A 279 -18.92 -3.17 23.06
C SER A 279 -17.94 -3.59 21.97
N VAL A 280 -18.15 -4.78 21.41
CA VAL A 280 -17.29 -5.30 20.37
C VAL A 280 -16.18 -6.18 20.94
N ARG A 281 -15.98 -7.35 20.33
CA ARG A 281 -14.96 -8.27 20.79
C ARG A 281 -14.70 -8.13 22.29
N VAL A 282 -15.51 -8.82 23.09
CA VAL A 282 -15.36 -8.76 24.55
C VAL A 282 -14.29 -7.77 24.95
N SER A 283 -14.71 -6.56 25.31
CA SER A 283 -13.77 -5.52 25.72
C SER A 283 -14.52 -4.22 26.07
N GLU A 284 -14.14 -3.62 27.20
CA GLU A 284 -14.76 -2.39 27.65
C GLU A 284 -14.12 -1.17 26.98
N LYS A 285 -14.96 -0.26 26.51
CA LYS A 285 -14.47 0.96 25.85
C LYS A 285 -13.91 1.95 26.86
N GLU A 286 -14.78 2.48 27.70
CA GLU A 286 -14.37 3.45 28.73
C GLU A 286 -14.36 4.87 28.16
N LYS A 287 -15.25 5.70 28.67
CA LYS A 287 -15.35 7.09 28.23
C LYS A 287 -15.68 8.02 29.39
N ILE A 288 -15.34 9.31 29.23
CA ILE A 288 -15.60 10.30 30.26
C ILE A 288 -16.31 11.52 29.68
N LYS A 289 -16.82 11.38 28.46
CA LYS A 289 -17.52 12.48 27.80
C LYS A 289 -17.88 12.09 26.37
N VAL A 290 -18.73 12.91 25.75
CA VAL A 290 -19.17 12.67 24.37
C VAL A 290 -18.21 13.31 23.38
N THR A 291 -18.45 13.38 22.17
CA THR A 291 -17.55 13.97 21.19
C THR A 291 -18.23 15.09 20.42
N GLU A 292 -17.42 16.02 19.90
CA GLU A 292 -17.95 17.14 19.14
C GLU A 292 -16.83 17.94 18.48
N MET A 293 -16.39 17.47 17.31
CA MET A 293 -15.32 18.14 16.58
C MET A 293 -15.56 19.63 16.47
N TYR A 294 -14.49 20.39 16.22
CA TYR A 294 -14.59 21.84 16.09
C TYR A 294 -13.55 22.38 15.11
N THR A 295 -13.94 23.39 14.36
CA THR A 295 -13.06 24.01 13.37
C THR A 295 -11.64 24.14 13.91
N SER A 296 -11.28 25.34 14.35
CA SER A 296 -9.95 25.59 14.89
C SER A 296 -9.34 24.32 15.47
N ILE A 297 -9.46 24.15 16.77
CA ILE A 297 -8.92 22.98 17.45
C ILE A 297 -10.03 22.06 17.94
N ASN A 298 -9.68 20.80 18.17
CA ASN A 298 -10.66 19.81 18.64
C ASN A 298 -10.43 19.48 20.11
N GLY A 299 -11.44 19.75 20.94
CA GLY A 299 -11.36 19.48 22.37
C GLY A 299 -12.54 18.65 22.84
N GLU A 300 -12.42 18.09 24.04
CA GLU A 300 -13.49 17.27 24.61
C GLU A 300 -14.84 17.96 24.49
N LEU A 301 -15.91 17.20 24.70
CA LEU A 301 -17.25 17.72 24.62
C LEU A 301 -18.02 17.20 25.70
N CYS A 302 -18.89 18.01 26.28
CA CYS A 302 -19.82 17.59 27.27
C CYS A 302 -20.72 16.58 26.76
N LYS A 303 -21.53 16.95 25.77
CA LYS A 303 -22.49 16.02 25.18
C LYS A 303 -22.65 16.27 23.68
N ILE A 304 -23.20 15.29 22.98
CA ILE A 304 -23.42 15.40 21.54
C ILE A 304 -24.89 15.26 21.18
N ASP A 305 -25.29 14.05 20.81
CA ASP A 305 -26.68 13.77 20.46
C ASP A 305 -26.76 12.75 19.32
N ARG A 306 -27.96 12.23 19.08
CA ARG A 306 -28.17 11.25 18.03
C ARG A 306 -27.97 11.87 16.65
N ALA A 307 -27.89 11.02 15.62
CA ALA A 307 -27.69 11.50 14.26
C ALA A 307 -26.63 12.59 14.20
N TYR A 308 -25.72 12.58 15.16
CA TYR A 308 -24.65 13.57 15.23
C TYR A 308 -23.45 13.13 14.39
N SER A 309 -22.77 14.10 13.80
CA SER A 309 -21.60 13.81 12.97
C SER A 309 -20.43 14.74 13.33
N GLY A 310 -19.29 14.14 13.66
CA GLY A 310 -18.11 14.90 14.02
C GLY A 310 -16.93 13.98 14.34
N GLU A 311 -15.86 14.55 14.88
CA GLU A 311 -14.67 13.78 15.24
C GLU A 311 -14.43 13.81 16.73
N ILE A 312 -13.90 12.71 17.27
CA ILE A 312 -13.61 12.61 18.69
C ILE A 312 -12.11 12.67 18.96
N VAL A 313 -11.68 13.74 19.61
CA VAL A 313 -10.26 13.92 19.93
C VAL A 313 -9.87 13.09 21.15
N ILE A 314 -9.90 11.77 21.00
CA ILE A 314 -9.54 10.88 22.09
C ILE A 314 -9.07 9.53 21.56
N LEU A 315 -9.42 8.46 22.29
CA LEU A 315 -9.05 7.11 21.89
C LEU A 315 -7.54 6.89 22.04
N GLN A 316 -7.16 5.70 22.49
CA GLN A 316 -5.76 5.36 22.67
C GLN A 316 -5.54 3.86 22.55
N ASN A 317 -5.02 3.26 23.62
CA ASN A 317 -4.75 1.82 23.65
C ASN A 317 -6.06 1.03 23.68
N GLU A 318 -6.05 -0.08 24.41
CA GLU A 318 -7.22 -0.94 24.54
C GLU A 318 -8.08 -0.87 23.27
N PHE A 319 -7.42 -0.68 22.13
CA PHE A 319 -8.13 -0.61 20.85
C PHE A 319 -7.15 -0.64 19.69
N LEU A 320 -7.57 -0.08 18.55
CA LEU A 320 -6.73 -0.05 17.36
C LEU A 320 -7.44 0.64 16.20
N LYS A 321 -6.74 0.81 15.09
CA LYS A 321 -7.31 1.45 13.91
C LYS A 321 -8.58 0.75 13.46
N LEU A 322 -9.00 1.01 12.22
CA LEU A 322 -10.20 0.41 11.68
C LEU A 322 -10.92 -0.45 12.72
N ASN A 323 -11.68 0.20 13.59
CA ASN A 323 -12.42 -0.49 14.64
C ASN A 323 -13.92 -0.29 14.49
N SER A 324 -14.66 -1.38 14.37
CA SER A 324 -16.11 -1.32 14.23
C SER A 324 -16.78 -1.14 15.58
N VAL A 325 -17.54 -0.05 15.72
CA VAL A 325 -18.24 0.23 16.97
C VAL A 325 -19.57 -0.50 17.04
N LEU A 326 -19.53 -1.72 17.56
CA LEU A 326 -20.74 -2.54 17.68
C LEU A 326 -21.87 -1.76 18.35
N GLY A 327 -22.99 -1.65 17.65
CA GLY A 327 -23.14 -2.25 16.32
C GLY A 327 -24.47 -1.86 15.69
N ASP A 328 -24.85 -2.59 14.65
CA ASP A 328 -26.10 -2.34 13.95
C ASP A 328 -25.96 -1.15 12.99
N THR A 329 -25.42 -1.42 11.82
CA THR A 329 -25.23 -0.37 10.80
C THR A 329 -23.78 -0.31 10.35
N LYS A 330 -22.88 -0.88 11.14
CA LYS A 330 -21.46 -0.90 10.82
C LYS A 330 -21.13 -2.00 9.81
N LEU A 331 -21.83 -3.12 9.92
CA LEU A 331 -21.62 -4.25 9.02
C LEU A 331 -22.04 -3.90 7.60
N LEU A 332 -23.10 -3.11 7.48
CA LEU A 332 -23.61 -2.71 6.17
C LEU A 332 -22.66 -1.74 5.48
N PRO A 333 -22.05 -0.87 6.26
CA PRO A 333 -21.12 0.11 5.72
C PRO A 333 -19.89 -0.56 5.12
N GLN A 334 -19.79 -1.88 5.33
CA GLN A 334 -18.66 -2.65 4.80
C GLN A 334 -18.99 -3.26 3.44
N ARG A 335 -20.03 -2.73 2.80
CA ARG A 335 -20.45 -3.22 1.50
C ARG A 335 -20.18 -2.19 0.41
N LYS A 336 -19.10 -1.42 0.58
CA LYS A 336 -18.73 -0.40 -0.39
C LYS A 336 -17.72 -0.94 -1.41
N LYS A 337 -16.67 -1.58 -0.90
CA LYS A 337 -15.64 -2.14 -1.76
C LYS A 337 -14.24 -1.79 -1.25
N ILE A 338 -13.28 -2.65 -1.54
CA ILE A 338 -11.90 -2.43 -1.10
C ILE A 338 -10.99 -2.08 -2.29
N GLU A 339 -9.71 -1.87 -1.99
CA GLU A 339 -8.75 -1.54 -3.03
C GLU A 339 -7.39 -2.15 -2.73
N ASN A 340 -7.39 -3.29 -2.06
CA ASN A 340 -6.16 -3.99 -1.70
C ASN A 340 -4.93 -3.19 -2.15
N PRO A 341 -4.83 -1.96 -1.67
CA PRO A 341 -3.71 -1.11 -2.02
C PRO A 341 -2.40 -1.67 -2.47
N HIS A 342 -2.35 -2.97 -2.76
CA HIS A 342 -1.28 -3.87 -3.06
C HIS A 342 0.24 -3.67 -2.92
N PRO A 343 0.74 -2.61 -2.21
CA PRO A 343 2.10 -2.18 -1.95
C PRO A 343 3.29 -2.75 -2.78
N LEU A 344 3.20 -3.25 -3.98
CA LEU A 344 4.20 -3.85 -4.86
C LEU A 344 5.76 -3.92 -4.54
N LEU A 345 6.39 -2.85 -4.46
CA LEU A 345 7.82 -2.81 -4.28
C LEU A 345 8.12 -2.63 -2.81
N GLN A 346 9.27 -3.11 -2.37
CA GLN A 346 9.59 -3.09 -1.03
C GLN A 346 11.13 -3.10 -0.95
N THR A 347 11.69 -2.99 0.25
CA THR A 347 13.12 -2.87 0.54
C THR A 347 13.40 -3.45 1.91
N THR A 348 14.69 -3.61 2.11
CA THR A 348 15.31 -4.24 3.24
C THR A 348 15.58 -3.16 4.19
N VAL A 349 15.19 -3.37 5.49
CA VAL A 349 15.54 -2.41 6.52
C VAL A 349 16.43 -3.12 7.52
N GLU A 350 17.54 -2.51 7.90
CA GLU A 350 18.46 -3.10 8.85
C GLU A 350 18.66 -2.19 10.07
N PRO A 351 18.56 -2.78 11.26
CA PRO A 351 18.72 -2.02 12.50
C PRO A 351 19.82 -0.97 12.37
N SER A 352 21.00 -1.30 12.87
CA SER A 352 22.13 -0.38 12.81
C SER A 352 23.04 -0.54 14.03
N LYS A 353 24.08 0.28 14.09
CA LYS A 353 25.02 0.24 15.20
C LYS A 353 24.33 -0.17 16.50
N PRO A 354 25.09 -0.76 17.41
CA PRO A 354 24.54 -1.20 18.69
C PRO A 354 23.66 -0.13 19.31
N GLU A 355 24.22 1.06 19.50
CA GLU A 355 23.48 2.17 20.08
C GLU A 355 22.16 2.39 19.37
N GLN A 356 22.19 2.38 18.04
CA GLN A 356 21.02 2.56 17.25
C GLN A 356 20.09 1.37 17.39
N ARG A 357 20.48 0.11 17.78
CA ARG A 357 19.54 -1.03 17.91
C ARG A 357 18.44 -0.87 18.93
N GLU A 358 18.72 -0.25 20.06
CA GLU A 358 17.72 -0.09 21.11
C GLU A 358 16.51 0.73 20.63
N MET A 359 16.79 1.83 19.95
CA MET A 359 15.88 2.72 19.34
C MET A 359 15.17 2.10 18.14
N LEU A 360 15.88 1.19 17.42
CA LEU A 360 15.45 0.52 16.26
C LEU A 360 14.26 -0.31 16.40
N LEU A 361 14.34 -1.19 17.42
CA LEU A 361 13.38 -2.11 17.84
C LEU A 361 12.06 -1.41 18.19
N ASP A 362 12.13 -0.33 19.03
CA ASP A 362 11.02 0.55 19.35
C ASP A 362 10.48 1.31 18.23
N ALA A 363 11.33 1.73 17.33
CA ALA A 363 11.04 2.47 16.10
C ALA A 363 10.13 1.66 15.21
N LEU A 364 10.55 0.35 15.08
CA LEU A 364 9.95 -0.62 14.17
C LEU A 364 8.59 -0.90 14.57
N LEU A 365 8.33 -0.98 15.88
CA LEU A 365 7.00 -1.01 16.48
C LEU A 365 6.17 0.22 16.16
N GLU A 366 6.77 1.49 16.33
CA GLU A 366 5.96 2.74 16.27
C GLU A 366 5.64 3.06 14.83
N ILE A 367 6.55 2.78 13.90
CA ILE A 367 6.35 3.04 12.49
C ILE A 367 5.30 2.14 11.88
N SER A 368 5.26 0.83 12.44
CA SER A 368 4.27 -0.12 12.16
C SER A 368 2.88 0.22 12.61
N ASP A 369 2.76 0.84 13.78
CA ASP A 369 1.46 1.21 14.32
C ASP A 369 0.86 2.39 13.55
N SER A 370 1.68 3.42 13.33
CA SER A 370 1.23 4.61 12.61
C SER A 370 0.92 4.28 11.15
N ASP A 371 0.97 3.00 10.81
CA ASP A 371 0.70 2.56 9.45
C ASP A 371 -0.26 1.36 9.44
N PRO A 372 -1.26 1.43 8.57
CA PRO A 372 -2.24 0.35 8.47
C PRO A 372 -1.73 -0.78 7.57
N LEU A 373 -0.59 -0.53 6.92
CA LEU A 373 0.01 -1.52 6.04
C LEU A 373 1.50 -1.70 6.33
N LEU A 374 1.87 -1.49 7.59
CA LEU A 374 3.26 -1.62 8.00
C LEU A 374 3.60 -3.07 8.34
N ARG A 375 3.37 -3.97 7.40
CA ARG A 375 3.65 -5.39 7.59
C ARG A 375 5.09 -5.60 8.08
N TYR A 376 5.25 -5.71 9.40
CA TYR A 376 6.54 -5.91 9.99
C TYR A 376 6.69 -7.40 9.93
N TYR A 377 7.73 -7.76 9.11
CA TYR A 377 8.01 -9.14 8.78
C TYR A 377 9.45 -9.36 9.05
N VAL A 378 9.76 -10.51 9.64
CA VAL A 378 11.14 -10.85 9.96
C VAL A 378 11.64 -12.00 9.09
N ASP A 379 12.88 -11.87 8.60
CA ASP A 379 13.47 -12.90 7.76
C ASP A 379 14.20 -13.95 8.59
N SER A 380 14.56 -15.05 7.95
CA SER A 380 15.26 -16.14 8.63
C SER A 380 16.77 -15.94 8.57
N THR A 381 17.26 -15.48 7.42
CA THR A 381 18.69 -15.25 7.24
C THR A 381 19.24 -14.32 8.32
N THR A 382 18.49 -13.29 8.63
CA THR A 382 18.90 -12.33 9.66
C THR A 382 17.77 -12.07 10.66
N HIS A 383 18.15 -11.60 11.85
CA HIS A 383 17.18 -11.33 12.90
C HIS A 383 16.51 -9.98 12.68
N GLU A 384 16.87 -9.31 11.59
CA GLU A 384 16.30 -8.01 11.26
C GLU A 384 14.99 -8.16 10.47
N ILE A 385 14.03 -7.28 10.76
CA ILE A 385 12.75 -7.31 10.08
C ILE A 385 12.66 -6.23 9.02
N ILE A 386 12.64 -6.64 7.75
CA ILE A 386 12.56 -5.70 6.63
C ILE A 386 11.29 -4.87 6.71
N LEU A 387 11.34 -3.67 6.13
CA LEU A 387 10.18 -2.77 6.12
C LEU A 387 9.33 -2.98 4.89
N SER A 388 8.02 -2.76 5.03
CA SER A 388 7.09 -2.92 3.93
C SER A 388 6.44 -1.59 3.56
N PHE A 389 7.08 -0.85 2.66
CA PHE A 389 6.56 0.44 2.21
C PHE A 389 6.45 0.50 0.69
N LEU A 390 5.28 0.93 0.22
CA LEU A 390 5.03 1.03 -1.22
C LEU A 390 6.18 1.73 -1.93
N GLY A 391 7.16 2.19 -1.14
CA GLY A 391 8.32 2.87 -1.70
C GLY A 391 9.14 3.56 -0.60
N LYS A 392 10.36 3.96 -0.95
CA LYS A 392 11.25 4.63 0.00
C LYS A 392 10.69 5.98 0.40
N VAL A 393 9.92 6.60 -0.49
CA VAL A 393 9.33 7.91 -0.22
C VAL A 393 8.73 7.97 1.17
N GLN A 394 8.19 6.84 1.63
CA GLN A 394 7.59 6.76 2.95
C GLN A 394 8.56 6.63 4.04
N MET A 395 9.62 5.92 3.65
CA MET A 395 10.77 5.44 4.41
C MET A 395 11.85 6.54 4.79
N GLU A 396 12.10 7.55 3.91
CA GLU A 396 12.68 8.82 4.14
C GLU A 396 12.03 9.61 5.24
N VAL A 397 10.73 9.77 5.05
CA VAL A 397 9.97 10.46 6.06
C VAL A 397 9.97 9.70 7.36
N ILE A 398 9.95 8.35 7.32
CA ILE A 398 9.89 7.37 8.46
C ILE A 398 11.19 7.45 9.26
N SER A 399 12.39 7.62 8.62
CA SER A 399 13.56 7.93 9.36
C SER A 399 13.67 9.32 9.85
N ALA A 400 12.93 10.24 9.23
CA ALA A 400 12.98 11.64 9.68
C ALA A 400 12.18 11.90 10.99
N LEU A 401 10.92 11.38 10.98
CA LEU A 401 10.07 11.36 12.17
C LEU A 401 10.77 10.67 13.38
N LEU A 402 11.30 9.48 13.14
CA LEU A 402 11.99 8.73 14.18
C LEU A 402 13.18 9.50 14.73
N GLN A 403 14.03 9.99 13.83
CA GLN A 403 15.21 10.75 14.22
C GLN A 403 14.89 11.71 15.35
N GLU A 404 13.60 11.92 15.61
CA GLU A 404 13.17 12.82 16.67
C GLU A 404 12.60 12.04 17.85
N LYS A 405 11.40 11.49 17.67
CA LYS A 405 10.74 10.72 18.72
C LYS A 405 11.73 9.83 19.46
N TYR A 406 11.74 8.55 19.10
CA TYR A 406 12.65 7.58 19.72
C TYR A 406 14.11 7.95 19.45
N HIS A 407 14.43 8.20 18.19
CA HIS A 407 15.78 8.57 17.80
C HIS A 407 16.57 7.35 17.32
N VAL A 408 16.85 7.30 16.03
CA VAL A 408 17.59 6.20 15.45
C VAL A 408 18.03 6.51 14.02
N GLU A 409 18.65 5.53 13.36
CA GLU A 409 19.13 5.71 12.00
C GLU A 409 19.66 4.40 11.42
N ILE A 410 18.93 3.85 10.45
CA ILE A 410 19.34 2.60 9.82
C ILE A 410 19.49 2.76 8.31
N GLU A 411 19.62 1.65 7.61
CA GLU A 411 19.78 1.67 6.16
C GLU A 411 18.52 1.16 5.46
N LEU A 412 18.39 1.49 4.17
CA LEU A 412 17.24 1.08 3.38
C LEU A 412 17.63 0.74 1.96
N LYS A 413 17.99 -0.54 1.80
CA LYS A 413 18.06 -1.25 0.54
C LYS A 413 17.04 -2.41 0.58
N GLU A 414 17.24 -3.41 -0.28
CA GLU A 414 16.31 -4.54 -0.35
C GLU A 414 16.75 -5.73 0.48
N PRO A 415 17.62 -6.58 -0.07
CA PRO A 415 18.08 -7.76 0.69
C PRO A 415 18.87 -8.83 -0.08
N THR A 416 18.66 -10.09 0.31
CA THR A 416 19.35 -11.24 -0.26
C THR A 416 18.36 -12.17 -0.97
N VAL A 417 18.90 -13.08 -1.78
CA VAL A 417 18.07 -14.02 -2.52
C VAL A 417 18.22 -15.44 -1.97
N ILE A 418 18.49 -15.54 -0.67
CA ILE A 418 18.65 -16.83 -0.01
C ILE A 418 19.80 -17.62 -0.63
N TYR A 419 20.01 -17.43 -1.93
CA TYR A 419 21.07 -18.13 -2.64
C TYR A 419 20.58 -19.47 -3.18
N MET A 420 19.93 -20.25 -2.32
CA MET A 420 19.41 -21.56 -2.69
C MET A 420 20.54 -22.50 -3.09
N GLU A 421 21.29 -22.13 -4.11
CA GLU A 421 22.40 -22.95 -4.59
C GLU A 421 21.96 -24.36 -4.93
N ARG A 422 20.70 -24.49 -5.38
CA ARG A 422 20.14 -25.78 -5.74
C ARG A 422 20.35 -26.07 -7.22
N PRO A 423 21.61 -26.03 -7.66
CA PRO A 423 21.95 -26.29 -9.05
C PRO A 423 21.39 -27.63 -9.51
N LEU A 424 22.01 -28.20 -10.54
CA LEU A 424 21.58 -29.49 -11.08
C LEU A 424 22.76 -30.43 -11.27
N LYS A 425 23.37 -30.37 -12.46
CA LYS A 425 24.51 -31.21 -12.77
C LYS A 425 24.32 -32.63 -12.24
N ASN A 426 24.93 -32.92 -11.10
CA ASN A 426 24.83 -34.24 -10.48
C ASN A 426 26.11 -34.60 -9.74
N ALA A 427 25.96 -35.33 -8.63
CA ALA A 427 27.10 -35.75 -7.84
C ALA A 427 26.69 -36.74 -6.75
N GLU A 428 27.66 -37.47 -6.23
CA GLU A 428 27.40 -38.45 -5.18
C GLU A 428 28.69 -38.84 -4.45
N TYR A 429 28.63 -38.82 -3.13
CA TYR A 429 29.78 -39.17 -2.31
C TYR A 429 29.37 -39.98 -1.08
N THR A 430 30.35 -40.48 -0.35
CA THR A 430 30.10 -41.27 0.85
C THR A 430 31.12 -42.38 1.01
N ILE A 431 31.03 -43.12 2.12
CA ILE A 431 30.00 -42.87 3.11
C ILE A 431 30.61 -42.70 4.50
N HIS A 432 31.94 -42.68 4.56
CA HIS A 432 32.64 -42.52 5.82
C HIS A 432 33.39 -43.80 6.20
N ILE A 433 33.01 -44.40 7.32
CA ILE A 433 33.65 -45.62 7.79
C ILE A 433 34.13 -45.47 9.24
N GLU A 434 34.44 -44.24 9.63
CA GLU A 434 34.91 -43.97 10.98
C GLU A 434 36.21 -43.16 10.96
N VAL A 435 36.46 -42.43 12.04
CA VAL A 435 37.66 -41.61 12.15
C VAL A 435 37.58 -40.67 13.35
N PRO A 436 37.86 -39.40 13.10
CA PRO A 436 37.82 -38.38 14.15
C PRO A 436 36.50 -38.44 14.91
N PRO A 437 35.67 -39.43 14.59
CA PRO A 437 34.38 -39.59 15.24
C PRO A 437 34.36 -40.82 16.13
N ASN A 438 34.41 -42.00 15.51
CA ASN A 438 34.40 -43.26 16.24
C ASN A 438 33.38 -44.24 15.65
N PRO A 439 33.78 -44.90 14.56
CA PRO A 439 32.91 -45.87 13.90
C PRO A 439 32.21 -46.77 14.91
N PHE A 440 30.89 -46.61 15.01
CA PHE A 440 30.17 -45.63 14.21
C PHE A 440 30.45 -45.83 12.73
N TRP A 441 30.16 -47.03 12.22
CA TRP A 441 30.37 -47.34 10.83
C TRP A 441 29.37 -46.62 9.93
N ALA A 442 28.09 -46.91 10.14
CA ALA A 442 27.03 -46.29 9.35
C ALA A 442 27.52 -45.88 7.97
N SER A 443 27.68 -46.87 7.10
CA SER A 443 28.16 -46.61 5.74
C SER A 443 27.63 -45.29 5.20
N ILE A 444 26.43 -45.33 4.64
CA ILE A 444 25.80 -44.12 4.09
C ILE A 444 26.02 -44.03 2.59
N GLY A 445 25.30 -43.13 1.94
CA GLY A 445 25.41 -42.94 0.50
C GLY A 445 24.29 -42.06 -0.03
N LEU A 446 24.65 -41.06 -0.84
CA LEU A 446 23.67 -40.15 -1.42
C LEU A 446 23.86 -40.02 -2.92
N SER A 447 22.96 -40.62 -3.68
CA SER A 447 23.03 -40.57 -5.14
C SER A 447 22.39 -39.30 -5.69
N VAL A 448 23.12 -38.18 -5.59
CA VAL A 448 22.63 -36.90 -6.07
C VAL A 448 22.25 -36.97 -7.54
N SER A 449 21.06 -36.49 -7.87
CA SER A 449 20.57 -36.48 -9.24
C SER A 449 19.91 -35.16 -9.60
N PRO A 450 20.65 -34.30 -10.29
CA PRO A 450 20.15 -32.99 -10.69
C PRO A 450 18.63 -33.02 -10.87
N LEU A 451 18.19 -33.20 -12.12
CA LEU A 451 16.77 -33.24 -12.43
C LEU A 451 16.40 -32.20 -13.48
N PRO A 452 15.10 -32.07 -13.74
CA PRO A 452 14.61 -31.11 -14.71
C PRO A 452 14.37 -29.74 -14.08
N LEU A 453 13.12 -29.28 -14.13
CA LEU A 453 12.77 -28.00 -13.55
C LEU A 453 11.33 -28.01 -13.02
N GLY A 454 11.20 -27.87 -11.70
CA GLY A 454 9.89 -27.86 -11.07
C GLY A 454 9.49 -29.27 -10.63
N SER A 455 10.07 -29.74 -9.53
CA SER A 455 9.78 -31.07 -9.01
C SER A 455 10.25 -31.21 -7.57
N GLY A 456 11.14 -30.32 -7.15
CA GLY A 456 11.67 -30.34 -5.80
C GLY A 456 12.08 -31.76 -5.40
N MET A 457 11.99 -32.69 -6.34
CA MET A 457 12.35 -34.08 -6.09
C MET A 457 12.51 -34.34 -4.60
N GLN A 458 13.67 -34.87 -4.22
CA GLN A 458 13.95 -35.17 -2.82
C GLN A 458 14.27 -36.65 -2.62
N TYR A 459 13.87 -37.20 -1.48
CA TYR A 459 14.11 -38.59 -1.17
C TYR A 459 15.39 -38.77 -0.36
N GLU A 460 15.62 -39.99 0.12
CA GLU A 460 14.70 -41.10 -0.14
C GLU A 460 14.89 -42.22 0.89
N SER A 461 14.10 -43.28 0.74
CA SER A 461 14.18 -44.42 1.65
C SER A 461 15.61 -44.96 1.72
N SER A 462 15.77 -46.10 2.39
CA SER A 462 17.07 -46.73 2.53
C SER A 462 17.54 -46.70 3.99
N VAL A 463 17.14 -47.71 4.75
CA VAL A 463 16.28 -48.77 4.23
C VAL A 463 16.24 -49.96 5.18
N SER A 464 16.86 -51.06 4.77
CA SER A 464 16.89 -52.27 5.59
C SER A 464 15.55 -52.51 6.27
N LEU A 465 14.88 -51.43 6.64
CA LEU A 465 13.58 -51.52 7.31
C LEU A 465 13.71 -52.16 8.68
N GLY A 466 13.94 -51.34 9.69
CA GLY A 466 14.07 -51.83 11.06
C GLY A 466 14.28 -50.68 12.04
N TYR A 467 13.41 -49.68 11.97
CA TYR A 467 13.49 -48.53 12.85
C TYR A 467 14.81 -47.78 12.65
N LEU A 468 15.91 -48.50 12.78
CA LEU A 468 17.25 -47.91 12.61
C LEU A 468 17.37 -47.19 11.27
N ASN A 469 17.86 -45.96 11.31
CA ASN A 469 18.03 -45.16 10.10
C ASN A 469 16.69 -44.60 9.63
N GLN A 470 15.61 -45.20 10.10
CA GLN A 470 14.31 -44.53 10.07
C GLN A 470 14.39 -43.10 10.61
N SER A 471 14.06 -42.94 11.88
CA SER A 471 14.18 -41.64 12.52
C SER A 471 15.54 -41.10 12.14
N PHE A 472 16.33 -41.97 11.54
CA PHE A 472 17.67 -41.61 11.11
C PHE A 472 17.57 -40.81 9.82
N GLN A 473 16.62 -41.18 8.98
CA GLN A 473 16.34 -40.45 7.77
C GLN A 473 15.67 -39.17 8.20
N ASN A 474 15.16 -39.22 9.42
CA ASN A 474 14.69 -38.03 10.10
C ASN A 474 15.86 -37.06 10.24
N ALA A 475 16.87 -37.49 11.00
CA ALA A 475 18.11 -36.73 11.11
C ALA A 475 18.49 -36.23 9.72
N VAL A 476 18.23 -37.09 8.77
CA VAL A 476 18.35 -36.78 7.36
C VAL A 476 17.70 -35.44 7.08
N MET A 477 16.45 -35.48 6.65
CA MET A 477 15.71 -34.24 6.45
C MET A 477 16.38 -33.11 7.22
N GLU A 478 16.67 -33.36 8.49
CA GLU A 478 17.36 -32.39 9.32
C GLU A 478 18.59 -31.75 8.66
N GLY A 479 19.76 -32.28 9.01
CA GLY A 479 21.00 -31.77 8.44
C GLY A 479 20.71 -31.32 7.03
N ILE A 480 19.76 -32.04 6.45
CA ILE A 480 19.24 -31.79 5.12
C ILE A 480 18.97 -30.31 4.96
N ARG A 481 17.71 -29.92 4.98
CA ARG A 481 17.37 -28.51 4.91
C ARG A 481 18.54 -27.72 5.46
N TYR A 482 19.08 -28.21 6.56
CA TYR A 482 20.26 -27.61 7.19
C TYR A 482 21.18 -26.91 6.18
N GLY A 483 22.19 -27.63 5.71
CA GLY A 483 23.07 -27.03 4.71
C GLY A 483 22.27 -26.72 3.45
N CYS A 484 21.33 -27.60 3.12
CA CYS A 484 20.40 -27.33 2.03
C CYS A 484 20.43 -25.83 1.77
N GLU A 485 20.32 -25.06 2.84
CA GLU A 485 20.50 -23.62 2.75
C GLU A 485 21.87 -23.22 3.29
N GLN A 486 22.01 -23.20 4.61
CA GLN A 486 23.27 -22.79 5.20
C GLN A 486 24.32 -23.69 4.61
N GLY A 487 25.55 -23.23 4.46
CA GLY A 487 26.50 -24.10 3.80
C GLY A 487 27.70 -23.30 3.33
N LEU A 488 28.35 -23.83 2.23
CA LEU A 488 29.34 -23.17 1.42
C LEU A 488 28.83 -21.92 0.87
N TYR A 489 27.69 -22.05 0.14
CA TYR A 489 27.17 -20.94 -0.62
C TYR A 489 25.84 -20.52 0.00
N GLY A 490 25.48 -21.17 1.10
CA GLY A 490 24.23 -20.87 1.80
C GLY A 490 23.04 -20.96 0.85
N TRP A 491 22.64 -22.18 0.51
CA TRP A 491 21.51 -22.40 -0.39
C TRP A 491 20.28 -22.86 0.38
N ASN A 492 19.28 -23.34 -0.36
CA ASN A 492 18.04 -23.81 0.26
C ASN A 492 17.57 -25.11 -0.40
N VAL A 493 18.02 -26.23 0.15
CA VAL A 493 17.64 -27.54 -0.38
C VAL A 493 16.47 -27.43 -1.36
N THR A 494 16.71 -27.87 -2.59
CA THR A 494 15.67 -27.82 -3.62
C THR A 494 16.18 -28.43 -4.94
N ASP A 495 15.78 -29.66 -5.19
CA ASP A 495 16.18 -30.37 -6.41
C ASP A 495 17.31 -31.34 -6.11
N CYS A 496 16.98 -32.46 -5.48
CA CYS A 496 17.97 -33.48 -5.14
C CYS A 496 17.36 -34.58 -4.30
N LYS A 497 18.17 -35.60 -3.98
CA LYS A 497 17.71 -36.71 -3.17
C LYS A 497 18.88 -37.44 -2.52
N ILE A 498 18.61 -38.63 -1.97
CA ILE A 498 19.64 -39.43 -1.34
C ILE A 498 19.11 -40.79 -0.92
N CYS A 499 19.96 -41.59 -0.28
CA CYS A 499 19.57 -42.92 0.17
C CYS A 499 20.79 -43.75 0.56
N PHE A 500 20.66 -44.54 1.62
CA PHE A 500 21.74 -45.37 2.10
C PHE A 500 21.27 -46.33 3.19
N LYS A 501 22.22 -46.99 3.84
CA LYS A 501 21.90 -47.93 4.92
C LYS A 501 23.10 -48.15 5.83
N TYR A 502 23.00 -49.14 6.71
CA TYR A 502 24.08 -49.44 7.65
C TYR A 502 24.17 -48.39 8.74
N GLY A 503 24.66 -48.80 9.91
CA GLY A 503 25.09 -50.18 10.12
C GLY A 503 25.96 -50.31 11.36
N LEU A 504 25.76 -51.38 12.12
CA LEU A 504 26.53 -51.62 13.33
C LEU A 504 25.87 -50.96 14.55
N TYR A 505 25.85 -51.68 15.66
CA TYR A 505 25.25 -51.17 16.89
C TYR A 505 25.01 -52.28 17.90
N TYR A 506 23.81 -52.32 18.45
CA TYR A 506 23.46 -53.34 19.43
C TYR A 506 24.49 -53.43 20.55
N SER A 507 24.87 -52.27 21.08
CA SER A 507 25.87 -52.21 22.16
C SER A 507 26.28 -50.77 22.44
N PRO A 508 26.83 -50.11 21.43
CA PRO A 508 27.27 -48.73 21.57
C PRO A 508 27.72 -48.16 20.23
N VAL A 509 28.93 -47.60 20.20
CA VAL A 509 29.48 -47.01 18.99
C VAL A 509 29.02 -45.57 18.81
N SER A 510 27.78 -45.30 19.20
CA SER A 510 27.21 -43.96 19.08
C SER A 510 26.65 -43.71 17.69
N THR A 511 25.60 -44.45 17.34
CA THR A 511 24.97 -44.32 16.04
C THR A 511 23.58 -43.70 16.16
N PRO A 512 23.53 -42.47 16.65
CA PRO A 512 22.27 -41.77 16.83
C PRO A 512 22.36 -40.33 16.33
N ALA A 513 22.57 -39.40 17.26
CA ALA A 513 22.69 -37.98 16.92
C ALA A 513 23.90 -37.72 16.04
N ASP A 514 24.85 -38.65 16.04
CA ASP A 514 26.06 -38.53 15.25
C ASP A 514 25.74 -38.53 13.76
N PHE A 515 24.85 -39.42 13.34
CA PHE A 515 24.47 -39.52 11.94
C PHE A 515 24.13 -38.14 11.37
N ARG A 516 23.39 -37.35 12.13
CA ARG A 516 23.00 -35.99 11.69
C ARG A 516 24.16 -35.14 11.21
N MET A 517 25.32 -35.18 11.92
CA MET A 517 26.65 -34.52 11.64
C MET A 517 27.27 -35.05 10.37
N LEU A 518 27.24 -36.37 10.25
CA LEU A 518 27.78 -37.05 9.09
C LEU A 518 27.07 -36.62 7.81
N ALA A 519 25.74 -36.67 7.83
CA ALA A 519 24.94 -36.28 6.68
C ALA A 519 25.49 -35.02 6.02
N PRO A 520 25.58 -33.94 6.78
CA PRO A 520 26.09 -32.68 6.27
C PRO A 520 27.46 -32.86 5.60
N ILE A 521 28.39 -33.46 6.33
CA ILE A 521 29.73 -33.70 5.81
C ILE A 521 29.68 -34.26 4.40
N VAL A 522 28.87 -35.30 4.19
CA VAL A 522 28.74 -35.92 2.90
C VAL A 522 28.31 -34.91 1.83
N LEU A 523 27.27 -34.15 2.13
CA LEU A 523 26.76 -33.16 1.19
C LEU A 523 27.85 -32.17 0.80
N GLU A 524 28.62 -31.71 1.78
CA GLU A 524 29.70 -30.76 1.53
C GLU A 524 30.63 -31.27 0.43
N GLN A 525 31.23 -32.43 0.66
CA GLN A 525 32.15 -33.02 -0.30
C GLN A 525 31.57 -32.98 -1.72
N VAL A 526 30.27 -33.22 -1.83
CA VAL A 526 29.60 -33.20 -3.12
C VAL A 526 29.54 -31.77 -3.67
N LEU A 527 29.79 -30.80 -2.80
CA LEU A 527 29.76 -29.40 -3.21
C LEU A 527 30.66 -29.15 -4.42
N LYS A 528 31.95 -29.45 -4.26
CA LYS A 528 32.91 -29.27 -5.34
C LYS A 528 32.29 -29.58 -6.69
N LYS A 529 31.40 -30.57 -6.72
CA LYS A 529 30.74 -30.96 -7.96
C LYS A 529 29.39 -30.26 -8.11
N ALA A 530 28.81 -29.84 -6.99
CA ALA A 530 27.53 -29.14 -7.01
C ALA A 530 27.58 -27.91 -7.89
N GLY A 531 28.37 -26.92 -7.47
CA GLY A 531 28.50 -25.67 -8.22
C GLY A 531 28.02 -24.48 -7.41
N THR A 532 26.77 -24.52 -6.99
CA THR A 532 26.18 -23.45 -6.20
C THR A 532 25.04 -22.76 -6.96
N GLU A 533 24.08 -23.55 -7.40
CA GLU A 533 22.93 -23.03 -8.14
C GLU A 533 22.38 -21.76 -7.48
N LEU A 534 22.64 -20.63 -8.12
CA LEU A 534 21.88 -19.42 -7.86
C LEU A 534 20.44 -19.84 -7.59
N LEU A 535 19.84 -20.49 -8.58
CA LEU A 535 18.43 -20.85 -8.54
C LEU A 535 17.84 -20.30 -9.83
N GLU A 536 16.65 -19.76 -9.80
CA GLU A 536 16.14 -19.19 -11.03
C GLU A 536 15.09 -18.19 -10.66
N PRO A 537 15.49 -16.91 -10.67
CA PRO A 537 14.62 -15.80 -10.25
C PRO A 537 13.99 -15.11 -11.44
N TYR A 538 12.68 -15.02 -11.45
CA TYR A 538 12.03 -14.30 -12.53
C TYR A 538 10.62 -14.00 -12.11
N LEU A 539 9.84 -15.08 -12.09
CA LEU A 539 8.41 -15.03 -11.97
C LEU A 539 7.91 -14.94 -13.40
N SER A 540 7.39 -13.76 -13.72
CA SER A 540 6.93 -13.44 -15.04
C SER A 540 7.06 -11.94 -15.15
N PHE A 541 7.69 -11.34 -14.14
CA PHE A 541 7.54 -9.89 -13.99
C PHE A 541 6.76 -9.49 -15.22
N LYS A 542 5.50 -9.05 -15.04
CA LYS A 542 4.60 -8.79 -16.11
C LYS A 542 4.23 -7.34 -16.00
N ILE A 543 4.55 -6.52 -17.12
CA ILE A 543 4.46 -5.06 -17.07
C ILE A 543 3.27 -4.58 -17.84
N TYR A 544 2.44 -3.85 -17.14
CA TYR A 544 1.31 -3.12 -17.64
C TYR A 544 1.57 -1.66 -17.86
N ALA A 545 1.51 -1.37 -19.17
CA ALA A 545 2.06 -0.15 -19.75
C ALA A 545 1.28 0.12 -20.97
N PRO A 546 1.35 1.38 -21.45
CA PRO A 546 0.57 1.87 -22.57
C PRO A 546 1.12 1.39 -23.90
N GLN A 547 0.25 1.12 -24.93
CA GLN A 547 0.60 0.63 -26.24
C GLN A 547 1.74 1.37 -26.99
N GLU A 548 1.86 2.72 -26.75
CA GLU A 548 2.85 3.57 -27.27
C GLU A 548 4.25 3.28 -26.68
N TYR A 549 4.38 3.00 -25.36
CA TYR A 549 5.70 2.88 -24.79
C TYR A 549 6.36 1.43 -24.95
N LEU A 550 5.44 0.38 -25.24
CA LEU A 550 5.72 -1.01 -25.09
C LEU A 550 6.86 -1.57 -26.00
N SER A 551 6.98 -1.02 -27.21
CA SER A 551 8.11 -1.25 -28.15
C SER A 551 9.40 -0.91 -27.54
N ARG A 552 9.61 0.31 -26.97
CA ARG A 552 10.78 0.77 -26.39
C ARG A 552 11.07 0.19 -25.03
N ALA A 553 9.97 0.05 -24.20
CA ALA A 553 9.91 -0.90 -23.09
C ALA A 553 10.56 -2.27 -23.45
N TYR A 554 10.25 -2.89 -24.66
CA TYR A 554 10.76 -4.23 -24.94
C TYR A 554 12.23 -4.32 -25.28
N ASN A 555 12.81 -3.29 -25.94
CA ASN A 555 14.24 -3.10 -26.19
C ASN A 555 15.11 -2.86 -24.95
N ASP A 556 14.59 -2.08 -24.02
CA ASP A 556 15.08 -1.86 -22.75
C ASP A 556 15.00 -3.16 -21.83
N ALA A 557 14.05 -4.08 -22.06
CA ALA A 557 13.93 -5.22 -21.14
C ALA A 557 15.14 -6.16 -21.25
N PRO A 558 15.62 -6.44 -22.43
CA PRO A 558 16.75 -7.31 -22.64
C PRO A 558 18.06 -6.85 -22.11
N LYS A 559 18.27 -5.51 -22.19
CA LYS A 559 19.35 -4.78 -21.55
C LYS A 559 19.26 -4.88 -20.07
N TYR A 560 18.02 -4.81 -19.47
CA TYR A 560 17.74 -4.77 -18.05
C TYR A 560 17.61 -6.15 -17.40
N CYS A 561 18.40 -7.09 -17.80
CA CYS A 561 18.42 -8.41 -17.21
C CYS A 561 17.04 -9.16 -17.19
N ALA A 562 16.14 -8.75 -18.03
CA ALA A 562 14.80 -9.25 -18.11
C ALA A 562 14.72 -9.94 -19.40
N ASN A 563 13.75 -10.87 -19.48
CA ASN A 563 13.32 -11.40 -20.77
C ASN A 563 12.12 -10.68 -21.15
N ILE A 564 11.68 -10.76 -22.43
CA ILE A 564 10.33 -10.38 -22.84
C ILE A 564 9.62 -11.56 -23.30
N VAL A 565 8.23 -11.53 -23.28
CA VAL A 565 7.37 -12.51 -24.01
C VAL A 565 6.58 -11.46 -24.77
N ASP A 566 5.82 -11.98 -25.74
CA ASP A 566 4.99 -11.14 -26.59
C ASP A 566 4.12 -10.20 -25.77
N THR A 567 3.53 -9.22 -26.43
CA THR A 567 2.67 -8.25 -25.76
C THR A 567 1.51 -7.80 -26.66
N GLN A 568 0.31 -8.24 -26.32
CA GLN A 568 -0.87 -7.90 -27.10
C GLN A 568 -1.47 -6.57 -26.65
N LEU A 569 -1.85 -5.74 -27.60
CA LEU A 569 -2.43 -4.44 -27.30
C LEU A 569 -3.92 -4.56 -27.00
N LYS A 570 -4.30 -4.25 -25.77
CA LYS A 570 -5.69 -4.33 -25.35
C LYS A 570 -6.31 -2.94 -25.24
N ASN A 571 -6.92 -2.48 -26.32
CA ASN A 571 -7.55 -1.16 -26.34
C ASN A 571 -6.52 -0.05 -26.49
N ASN A 572 -6.73 1.04 -25.77
CA ASN A 572 -5.81 2.18 -25.82
C ASN A 572 -4.47 1.84 -25.17
N GLU A 573 -4.50 0.86 -24.26
CA GLU A 573 -3.28 0.44 -23.57
C GLU A 573 -2.76 -0.88 -24.15
N VAL A 574 -1.96 -1.58 -23.35
CA VAL A 574 -1.42 -2.80 -23.75
C VAL A 574 -1.18 -3.63 -22.48
N ILE A 575 -0.90 -4.95 -22.61
CA ILE A 575 -0.10 -5.63 -21.58
C ILE A 575 1.02 -6.35 -22.22
N LEU A 576 2.19 -6.33 -21.51
CA LEU A 576 3.46 -6.86 -21.98
C LEU A 576 3.91 -7.66 -20.83
N SER A 577 3.39 -8.89 -20.82
CA SER A 577 3.48 -9.81 -19.71
C SER A 577 4.57 -10.77 -20.05
N GLY A 578 5.69 -10.82 -19.20
CA GLY A 578 6.87 -11.56 -19.54
C GLY A 578 7.40 -12.21 -18.29
N GLU A 579 8.64 -12.75 -18.34
CA GLU A 579 9.27 -13.56 -17.31
C GLU A 579 10.44 -12.73 -16.88
N ILE A 580 11.64 -13.44 -16.69
CA ILE A 580 12.90 -12.89 -16.32
C ILE A 580 13.27 -13.66 -15.09
N PRO A 581 14.51 -13.45 -14.70
CA PRO A 581 15.07 -13.71 -13.43
C PRO A 581 14.24 -13.01 -12.34
N ALA A 582 14.83 -12.90 -11.16
CA ALA A 582 14.16 -12.26 -10.06
C ALA A 582 14.72 -10.86 -9.87
N ARG A 583 13.83 -9.88 -9.82
CA ARG A 583 14.23 -8.50 -9.66
C ARG A 583 15.54 -8.27 -10.41
N CYS A 584 16.27 -7.26 -9.98
CA CYS A 584 15.87 -6.46 -8.83
C CYS A 584 14.52 -5.82 -9.06
N ILE A 585 13.63 -5.92 -8.09
CA ILE A 585 12.31 -5.37 -8.28
C ILE A 585 12.33 -3.90 -8.70
N GLN A 586 13.25 -3.21 -7.97
CA GLN A 586 13.63 -1.77 -8.03
C GLN A 586 14.11 -1.47 -9.37
N GLU A 587 15.19 -2.13 -9.97
CA GLU A 587 15.70 -2.06 -11.32
C GLU A 587 14.60 -2.18 -12.33
N TYR A 588 13.76 -3.28 -12.21
CA TYR A 588 12.64 -3.67 -13.06
C TYR A 588 11.65 -2.59 -13.13
N ARG A 589 11.04 -2.25 -11.96
CA ARG A 589 10.15 -1.12 -11.71
C ARG A 589 10.57 0.31 -12.17
N SER A 590 11.82 0.73 -11.87
CA SER A 590 12.36 2.06 -12.29
C SER A 590 12.26 2.27 -13.72
N ASP A 591 12.98 1.50 -14.52
CA ASP A 591 12.98 1.60 -16.00
C ASP A 591 11.57 1.71 -16.59
N LEU A 592 10.71 0.81 -16.17
CA LEU A 592 9.35 0.85 -16.75
C LEU A 592 8.69 2.19 -16.66
N THR A 593 8.45 2.70 -15.43
CA THR A 593 7.96 4.03 -15.09
C THR A 593 8.74 5.19 -15.78
N PHE A 594 10.09 5.00 -15.93
CA PHE A 594 11.03 6.01 -16.45
C PHE A 594 10.67 6.50 -17.83
N PHE A 595 10.76 5.68 -18.88
CA PHE A 595 10.37 5.87 -20.27
C PHE A 595 8.96 5.76 -20.48
N THR A 596 8.15 6.04 -19.41
CA THR A 596 6.70 5.97 -19.44
C THR A 596 6.13 7.17 -18.81
N ASN A 597 7.03 8.04 -18.20
CA ASN A 597 6.72 9.04 -17.25
C ASN A 597 6.21 8.55 -15.94
N GLY A 598 4.97 8.10 -15.90
CA GLY A 598 4.30 7.88 -14.65
C GLY A 598 3.18 6.86 -14.89
N ARG A 599 2.90 6.51 -16.20
CA ARG A 599 1.80 5.70 -16.68
C ARG A 599 2.28 4.23 -16.91
N SER A 600 2.99 3.67 -15.89
CA SER A 600 3.23 2.30 -15.75
C SER A 600 2.46 1.80 -14.53
N VAL A 601 2.57 0.43 -14.32
CA VAL A 601 1.94 -0.31 -13.27
C VAL A 601 2.40 -1.75 -13.49
N CYS A 602 2.57 -2.51 -12.35
CA CYS A 602 2.92 -3.92 -12.43
C CYS A 602 3.07 -4.55 -11.08
N LEU A 603 3.32 -5.86 -11.16
CA LEU A 603 3.30 -6.74 -10.02
C LEU A 603 3.18 -8.11 -10.57
N THR A 604 3.44 -9.16 -9.60
CA THR A 604 3.17 -10.50 -9.78
C THR A 604 4.41 -11.24 -9.33
N GLU A 605 4.29 -12.46 -8.66
CA GLU A 605 5.35 -13.31 -8.10
C GLU A 605 5.61 -14.31 -9.23
N LEU A 606 5.37 -15.58 -8.95
CA LEU A 606 5.57 -16.63 -9.93
C LEU A 606 6.19 -17.88 -9.29
N LYS A 607 7.27 -17.67 -8.55
CA LYS A 607 7.96 -18.77 -7.89
C LYS A 607 8.76 -19.60 -8.88
N GLY A 608 9.59 -20.51 -8.35
CA GLY A 608 10.41 -21.37 -9.19
C GLY A 608 11.90 -21.14 -8.92
N TYR A 609 12.65 -22.22 -8.81
CA TYR A 609 14.08 -22.15 -8.56
C TYR A 609 14.87 -22.19 -9.85
N HIS A 610 14.56 -23.16 -10.71
CA HIS A 610 15.25 -23.31 -11.99
C HIS A 610 15.87 -22.01 -12.44
N VAL A 611 17.17 -21.87 -12.26
CA VAL A 611 17.89 -20.66 -12.65
C VAL A 611 19.39 -20.83 -12.48
N THR A 612 19.89 -20.47 -11.30
CA THR A 612 21.31 -20.59 -11.00
C THR A 612 22.12 -19.63 -11.87
N THR A 613 21.64 -19.38 -13.08
CA THR A 613 22.32 -18.49 -14.01
C THR A 613 22.66 -17.16 -13.36
N GLY A 614 23.68 -17.15 -12.51
CA GLY A 614 24.10 -15.94 -11.82
C GLY A 614 25.56 -16.01 -11.42
N GLU A 615 26.27 -17.02 -11.93
CA GLU A 615 27.68 -17.20 -11.63
C GLU A 615 27.91 -17.40 -10.13
N PRO A 616 28.79 -16.58 -9.56
CA PRO A 616 29.09 -16.65 -8.15
C PRO A 616 29.38 -15.27 -7.56
N VAL A 617 30.66 -14.94 -7.46
CA VAL A 617 31.08 -13.65 -6.92
C VAL A 617 30.61 -13.47 -5.48
N CYS A 618 29.92 -14.49 -4.96
CA CYS A 618 29.41 -14.44 -3.60
C CYS A 618 28.98 -15.83 -3.12
N GLN A 619 27.68 -16.01 -2.93
CA GLN A 619 27.13 -17.29 -2.47
C GLN A 619 27.69 -17.67 -1.10
N PRO A 620 27.06 -17.14 -0.06
CA PRO A 620 27.48 -17.42 1.31
C PRO A 620 26.51 -16.82 2.32
N ARG A 621 26.66 -17.21 3.59
CA ARG A 621 25.80 -16.71 4.65
C ARG A 621 25.25 -17.85 5.50
N ARG A 622 25.77 -18.00 6.71
CA ARG A 622 25.33 -19.06 7.61
C ARG A 622 25.74 -18.76 9.05
N PRO A 623 25.96 -19.81 9.83
CA PRO A 623 25.82 -21.17 9.33
C PRO A 623 24.98 -22.02 10.28
N ASN A 624 25.57 -22.39 11.42
CA ASN A 624 24.88 -23.19 12.41
C ASN A 624 25.82 -23.60 13.55
N SER A 625 25.44 -24.64 14.27
CA SER A 625 26.25 -25.13 15.39
C SER A 625 26.06 -26.62 15.60
N ARG A 626 26.21 -27.07 16.84
CA ARG A 626 26.05 -28.48 17.17
C ARG A 626 27.40 -29.18 17.20
N ILE A 627 28.15 -28.98 18.28
CA ILE A 627 29.47 -29.59 18.44
C ILE A 627 29.66 -30.75 17.46
N ASP A 628 29.45 -31.97 17.96
CA ASP A 628 29.60 -33.16 17.13
C ASP A 628 29.70 -32.80 15.65
N LYS A 629 28.60 -32.95 14.93
CA LYS A 629 28.57 -32.65 13.55
C LYS A 629 29.60 -31.70 13.03
N VAL A 630 29.78 -30.54 13.74
CA VAL A 630 30.76 -29.44 13.50
C VAL A 630 32.14 -29.90 13.69
N ARG A 631 32.50 -30.56 14.81
CA ARG A 631 33.88 -30.97 15.07
C ARG A 631 34.36 -31.89 13.95
N TYR A 632 33.42 -32.84 13.59
CA TYR A 632 33.62 -33.85 12.66
C TYR A 632 33.96 -33.30 11.30
N MET A 633 33.18 -32.23 10.89
CA MET A 633 33.29 -31.65 9.57
C MET A 633 34.67 -31.05 9.37
N PHE A 634 35.16 -30.31 10.35
CA PHE A 634 36.39 -29.60 10.30
C PHE A 634 37.61 -30.57 10.03
N ASN A 635 37.57 -31.69 10.80
CA ASN A 635 38.54 -32.83 10.68
C ASN A 635 38.56 -33.50 9.29
N LYS A 636 37.35 -33.69 8.79
CA LYS A 636 37.09 -34.34 7.52
C LYS A 636 37.76 -33.61 6.37
N ILE A 637 37.61 -32.27 6.40
CA ILE A 637 38.21 -31.33 5.44
C ILE A 637 39.70 -31.48 5.46
N THR A 638 40.31 -31.59 6.64
CA THR A 638 41.73 -31.88 6.72
C THR A 638 42.14 -33.28 6.10
PG GCP B . 1.46 17.57 -1.92
O1G GCP B . 1.62 16.35 -2.70
O2G GCP B . 0.25 17.33 -1.04
O3G GCP B . 2.58 17.94 -1.01
C3B GCP B . 1.13 19.01 -3.08
PB GCP B . -0.19 20.14 -2.51
O1B GCP B . -1.37 20.02 -3.39
O2B GCP B . -0.55 19.83 -1.05
O3A GCP B . 0.32 21.61 -2.63
PA GCP B . 0.10 22.77 -1.62
O1A GCP B . -1.32 23.13 -1.52
O2A GCP B . 0.70 22.31 -0.35
O5' GCP B . 0.88 23.91 -2.38
C5' GCP B . 1.97 24.66 -1.79
C4' GCP B . 2.30 25.89 -2.65
O4' GCP B . 1.65 25.85 -3.96
C3' GCP B . 1.89 27.26 -2.08
O3' GCP B . 2.76 27.73 -1.03
C2' GCP B . 1.91 28.14 -3.31
O2' GCP B . 3.09 28.83 -3.63
C1' GCP B . 1.40 27.18 -4.40
N9 GCP B . -0.04 27.38 -4.73
C8 GCP B . -1.16 26.89 -4.14
N7 GCP B . -2.27 27.30 -4.66
C5 GCP B . -1.90 28.06 -5.66
C6 GCP B . -2.67 28.81 -6.59
O6 GCP B . -3.91 28.83 -6.65
N1 GCP B . -1.93 29.57 -7.58
C2 GCP B . -0.54 29.58 -7.54
N2 GCP B . 0.05 30.34 -8.47
N3 GCP B . 0.24 28.91 -6.68
C4 GCP B . -0.53 28.22 -5.74
#